data_3ON5
#
_entry.id   3ON5
#
_cell.length_a   94.244
_cell.length_b   94.244
_cell.length_c   245.536
_cell.angle_alpha   90.000
_cell.angle_beta   90.000
_cell.angle_gamma   90.000
#
_symmetry.space_group_name_H-M   'P 43 21 2'
#
loop_
_entity.id
_entity.type
_entity.pdbx_description
1 polymer 'BH1974 protein'
2 non-polymer 'CHLORIDE ION'
3 water water
#
_entity_poly.entity_id   1
_entity_poly.type   'polypeptide(L)'
_entity_poly.pdbx_seq_one_letter_code
;(MSE)GSDKIHHHHHHENLYFQG(MSE)SDIELLETLAGTDQPRV(MSE)ATIIHVEGSSYRKEGA(MSE)(MSE)LFQE
DGTQVGLLSGGCLETDLTIKAQKVWQEQLPRTVVYDLSSEDDLSWGQGSGCNGTISVLLEPVDLKLRQHLKRVYDYLCAG
KSVFHVKKLSTSGAVLEYAFILDESVYFGEWHSGHPVEWIRKIDENEEPL(MSE)FTHIYSPKERLIIFGAGPDVPPLVT
FASNVGFYTVVTDWRPNQCEKHFFPDADEIIVDFPADFLRKFLIRPDDFVLI(MSE)THHFQKDQEILHFLLEKELRYIG
ILGSKERTRRLLQNRKPPDHLYSPVGLSIDAQGPEEIAISIVAQLIQLIRSRKQASSPFSYLFQPESCKH
;
_entity_poly.pdbx_strand_id   A,B
#
loop_
_chem_comp.id
_chem_comp.type
_chem_comp.name
_chem_comp.formula
CL non-polymer 'CHLORIDE ION' 'Cl -1'
#
# COMPACT_ATOMS: atom_id res chain seq x y z
N MSE A 20 14.25 -0.59 7.76
CA MSE A 20 14.02 0.05 6.46
C MSE A 20 15.13 -0.37 5.41
O MSE A 20 15.88 -1.33 5.64
CB MSE A 20 13.97 1.59 6.63
N SER A 21 15.16 0.37 4.23
CA SER A 21 16.09 0.25 3.09
C SER A 21 17.54 0.39 3.53
N ASP A 22 18.48 -0.33 2.86
CA ASP A 22 19.92 -0.27 3.17
C ASP A 22 20.42 1.19 3.22
N ILE A 23 20.10 2.03 2.21
CA ILE A 23 20.56 3.44 2.12
C ILE A 23 19.95 4.28 3.28
N GLU A 24 18.73 3.96 3.73
CA GLU A 24 18.07 4.67 4.83
C GLU A 24 18.71 4.22 6.17
N LEU A 25 19.12 2.93 6.28
CA LEU A 25 19.78 2.42 7.47
C LEU A 25 21.16 3.02 7.61
N LEU A 26 21.93 3.06 6.52
CA LEU A 26 23.25 3.67 6.46
C LEU A 26 23.16 5.19 6.64
N GLU A 27 22.02 5.78 6.26
CA GLU A 27 21.77 7.22 6.42
C GLU A 27 21.71 7.55 7.89
N THR A 28 21.02 6.70 8.69
CA THR A 28 20.79 6.79 10.14
C THR A 28 22.16 6.86 10.90
N LEU A 29 23.22 6.17 10.41
CA LEU A 29 24.55 6.21 11.02
C LEU A 29 25.25 7.57 10.84
N ALA A 30 24.96 8.27 9.72
CA ALA A 30 25.53 9.59 9.42
C ALA A 30 24.99 10.69 10.40
N GLY A 31 23.75 10.50 10.88
CA GLY A 31 23.07 11.40 11.82
C GLY A 31 23.59 11.44 13.24
N THR A 32 22.72 11.06 14.22
CA THR A 32 22.82 11.12 15.69
C THR A 32 24.19 10.71 16.37
N ASP A 33 25.13 10.06 15.64
N ASP A 33 25.16 10.10 15.63
CA ASP A 33 26.46 9.57 16.08
CA ASP A 33 26.47 9.53 16.04
C ASP A 33 26.49 9.28 17.62
C ASP A 33 26.50 9.27 17.60
N GLN A 34 26.01 8.07 17.97
CA GLN A 34 25.91 7.53 19.34
C GLN A 34 26.31 6.06 19.36
N PRO A 35 26.71 5.43 20.49
CA PRO A 35 26.99 3.99 20.44
C PRO A 35 25.87 3.20 19.74
N ARG A 36 26.25 2.42 18.73
CA ARG A 36 25.36 1.54 17.96
C ARG A 36 25.98 0.20 17.71
N VAL A 37 25.15 -0.86 17.79
CA VAL A 37 25.52 -2.23 17.46
C VAL A 37 24.63 -2.61 16.29
N MSE A 38 25.23 -3.17 15.28
CA MSE A 38 24.53 -3.56 14.09
C MSE A 38 24.26 -5.05 14.13
O MSE A 38 25.20 -5.83 14.35
CB MSE A 38 25.37 -3.18 12.89
CG MSE A 38 24.64 -3.25 11.60
SE MSE A 38 25.96 -3.07 10.20
CE MSE A 38 24.57 -2.84 8.73
N ALA A 39 22.96 -5.45 13.98
CA ALA A 39 22.54 -6.85 13.94
C ALA A 39 22.24 -7.24 12.52
N THR A 40 22.81 -8.35 12.05
CA THR A 40 22.61 -8.84 10.69
C THR A 40 22.27 -10.33 10.74
N ILE A 41 21.20 -10.72 10.02
CA ILE A 41 20.83 -12.14 9.91
C ILE A 41 21.77 -12.75 8.88
N ILE A 42 22.78 -13.48 9.35
CA ILE A 42 23.80 -14.09 8.49
C ILE A 42 23.40 -15.51 8.07
N HIS A 43 22.37 -16.10 8.71
CA HIS A 43 21.86 -17.44 8.35
C HIS A 43 20.45 -17.67 8.87
N VAL A 44 19.64 -18.39 8.08
CA VAL A 44 18.26 -18.75 8.39
C VAL A 44 18.05 -20.20 8.04
N GLU A 45 17.49 -20.94 8.98
CA GLU A 45 17.09 -22.33 8.81
C GLU A 45 15.59 -22.40 9.13
N GLY A 46 14.78 -22.78 8.14
CA GLY A 46 13.33 -22.87 8.30
C GLY A 46 12.58 -21.58 8.04
N SER A 47 11.53 -21.33 8.86
CA SER A 47 10.65 -20.16 8.74
C SER A 47 11.08 -19.03 9.66
N SER A 48 11.08 -17.80 9.12
CA SER A 48 11.41 -16.56 9.84
C SER A 48 10.78 -15.35 9.17
N TYR A 49 10.45 -14.30 9.99
CA TYR A 49 9.83 -13.06 9.48
C TYR A 49 10.73 -12.43 8.44
N ARG A 50 12.04 -12.35 8.71
CA ARG A 50 12.98 -11.75 7.77
CA ARG A 50 12.94 -11.77 7.71
C ARG A 50 13.90 -12.82 7.14
N LYS A 51 14.46 -12.49 5.99
CA LYS A 51 15.37 -13.31 5.21
C LYS A 51 16.83 -13.04 5.62
N GLU A 52 17.76 -13.85 5.10
CA GLU A 52 19.18 -13.70 5.36
C GLU A 52 19.66 -12.41 4.68
N GLY A 53 20.37 -11.57 5.45
CA GLY A 53 20.88 -10.29 4.97
C GLY A 53 20.19 -9.09 5.61
N ALA A 54 19.06 -9.36 6.29
CA ALA A 54 18.27 -8.37 6.99
C ALA A 54 19.06 -7.76 8.12
N MSE A 55 18.99 -6.43 8.24
CA MSE A 55 19.72 -5.68 9.24
C MSE A 55 18.81 -4.88 10.14
O MSE A 55 17.66 -4.59 9.83
CB MSE A 55 20.73 -4.74 8.59
CG MSE A 55 21.85 -5.45 7.95
SE MSE A 55 22.73 -4.22 6.77
CE MSE A 55 23.75 -5.63 5.73
N MSE A 56 19.39 -4.48 11.26
CA MSE A 56 18.76 -3.80 12.36
C MSE A 56 19.81 -3.08 13.20
O MSE A 56 20.91 -3.61 13.40
CB MSE A 56 18.05 -4.88 13.18
CG MSE A 56 17.24 -4.35 14.26
SE MSE A 56 16.56 -5.82 15.27
CE MSE A 56 15.56 -4.57 16.46
N LEU A 57 19.46 -1.89 13.72
CA LEU A 57 20.38 -1.12 14.54
C LEU A 57 19.93 -1.05 15.98
N PHE A 58 20.81 -1.43 16.90
CA PHE A 58 20.61 -1.30 18.33
C PHE A 58 21.37 -0.09 18.78
N GLN A 59 20.64 0.87 19.34
CA GLN A 59 21.19 2.14 19.74
C GLN A 59 21.15 2.32 21.23
N GLU A 60 22.03 3.20 21.75
CA GLU A 60 22.16 3.52 23.16
C GLU A 60 20.88 4.20 23.68
N ASP A 61 20.23 5.05 22.87
CA ASP A 61 19.01 5.79 23.22
C ASP A 61 17.77 4.82 23.44
N GLY A 62 17.98 3.51 23.32
CA GLY A 62 16.94 2.52 23.51
C GLY A 62 16.06 2.30 22.29
N THR A 63 16.31 3.07 21.23
CA THR A 63 15.60 2.97 19.98
C THR A 63 16.30 1.91 19.14
N GLN A 64 15.51 1.29 18.26
CA GLN A 64 15.91 0.28 17.31
C GLN A 64 15.44 0.71 15.94
N VAL A 65 16.29 0.55 14.95
CA VAL A 65 16.03 0.91 13.57
C VAL A 65 15.97 -0.40 12.77
N GLY A 66 14.75 -0.84 12.48
CA GLY A 66 14.45 -2.10 11.78
C GLY A 66 13.94 -3.16 12.74
N LEU A 67 13.56 -4.34 12.20
CA LEU A 67 13.18 -5.52 13.00
C LEU A 67 13.61 -6.77 12.24
N LEU A 68 13.79 -7.87 12.99
CA LEU A 68 14.25 -9.15 12.46
C LEU A 68 13.21 -10.28 12.73
N SER A 69 12.47 -10.16 13.86
CA SER A 69 11.43 -11.10 14.27
C SER A 69 10.13 -10.36 14.58
N GLY A 70 10.21 -9.37 15.47
CA GLY A 70 9.05 -8.61 15.93
C GLY A 70 8.45 -9.19 17.19
N GLY A 71 9.09 -10.26 17.69
CA GLY A 71 8.70 -10.95 18.92
C GLY A 71 9.49 -10.47 20.12
N CYS A 72 9.86 -11.42 21.01
CA CYS A 72 10.60 -11.18 22.26
C CYS A 72 12.12 -11.40 22.05
N LEU A 73 12.53 -11.64 20.80
CA LEU A 73 13.90 -11.82 20.34
C LEU A 73 14.70 -10.52 20.51
N GLU A 74 14.11 -9.40 20.05
CA GLU A 74 14.68 -8.05 20.09
C GLU A 74 15.02 -7.63 21.52
N THR A 75 14.28 -8.19 22.48
CA THR A 75 14.43 -7.94 23.91
C THR A 75 15.75 -8.56 24.40
N ASP A 76 16.12 -9.77 23.91
CA ASP A 76 17.35 -10.48 24.27
C ASP A 76 18.57 -9.85 23.55
N LEU A 77 18.42 -9.56 22.24
CA LEU A 77 19.46 -8.93 21.45
C LEU A 77 19.92 -7.63 22.08
N THR A 78 18.98 -6.81 22.61
CA THR A 78 19.28 -5.52 23.25
C THR A 78 20.35 -5.71 24.35
N ILE A 79 20.23 -6.79 25.14
CA ILE A 79 21.15 -7.12 26.22
C ILE A 79 22.46 -7.57 25.59
N LYS A 80 22.39 -8.46 24.56
CA LYS A 80 23.58 -8.97 23.85
C LYS A 80 24.34 -7.80 23.19
N ALA A 81 23.61 -6.86 22.54
CA ALA A 81 24.15 -5.66 21.88
C ALA A 81 24.92 -4.79 22.87
N GLN A 82 24.38 -4.64 24.08
CA GLN A 82 24.96 -3.85 25.16
C GLN A 82 26.31 -4.47 25.58
N LYS A 83 26.41 -5.82 25.61
CA LYS A 83 27.64 -6.56 25.95
C LYS A 83 28.66 -6.40 24.83
N VAL A 84 28.22 -6.58 23.55
CA VAL A 84 29.03 -6.44 22.33
C VAL A 84 29.68 -5.03 22.30
N TRP A 85 28.92 -3.97 22.65
CA TRP A 85 29.47 -2.62 22.69
C TRP A 85 30.54 -2.47 23.76
N GLN A 86 30.27 -2.97 24.96
CA GLN A 86 31.19 -2.88 26.09
C GLN A 86 32.50 -3.64 25.75
N GLU A 87 32.38 -4.91 25.31
CA GLU A 87 33.51 -5.76 24.91
C GLU A 87 34.21 -5.28 23.66
N GLN A 88 33.47 -4.52 22.81
CA GLN A 88 33.90 -3.98 21.51
C GLN A 88 34.38 -5.16 20.66
N LEU A 89 33.59 -6.27 20.71
CA LEU A 89 33.87 -7.53 20.03
C LEU A 89 32.59 -8.14 19.42
N PRO A 90 32.60 -8.40 18.08
CA PRO A 90 31.44 -9.02 17.44
C PRO A 90 31.11 -10.40 17.99
N ARG A 91 29.86 -10.81 17.82
CA ARG A 91 29.30 -12.05 18.34
C ARG A 91 28.23 -12.60 17.40
N THR A 92 28.12 -13.94 17.31
CA THR A 92 27.05 -14.61 16.59
C THR A 92 26.13 -15.25 17.62
N VAL A 93 24.84 -14.91 17.56
CA VAL A 93 23.85 -15.46 18.49
C VAL A 93 22.89 -16.28 17.67
N VAL A 94 22.63 -17.52 18.09
CA VAL A 94 21.71 -18.42 17.39
C VAL A 94 20.43 -18.51 18.22
N TYR A 95 19.28 -18.33 17.54
CA TYR A 95 17.98 -18.36 18.16
C TYR A 95 17.08 -19.43 17.59
N ASP A 96 16.67 -20.42 18.42
CA ASP A 96 15.65 -21.37 17.98
C ASP A 96 14.31 -20.67 18.18
N LEU A 97 13.70 -20.14 17.12
CA LEU A 97 12.49 -19.34 17.26
C LEU A 97 11.26 -20.17 17.69
N SER A 98 11.31 -21.50 17.53
CA SER A 98 10.23 -22.41 17.90
C SER A 98 10.19 -22.62 19.43
N SER A 99 11.37 -22.91 20.04
CA SER A 99 11.56 -23.11 21.48
C SER A 99 11.80 -21.75 22.15
N GLU A 100 10.92 -20.78 21.82
CA GLU A 100 10.96 -19.37 22.24
C GLU A 100 10.30 -19.14 23.64
N ASP A 101 9.83 -20.24 24.31
CA ASP A 101 9.25 -20.23 25.67
C ASP A 101 10.32 -19.77 26.68
N ASP A 102 11.61 -19.97 26.32
CA ASP A 102 12.81 -19.56 27.05
C ASP A 102 13.19 -18.10 26.67
N LEU A 103 12.17 -17.22 26.50
CA LEU A 103 12.31 -15.80 26.12
C LEU A 103 11.03 -14.96 26.29
N SER A 104 9.88 -15.60 26.60
CA SER A 104 8.60 -14.92 26.68
CA SER A 104 8.61 -14.90 26.70
C SER A 104 7.91 -15.11 28.04
N TRP A 105 6.81 -14.36 28.25
CA TRP A 105 5.89 -14.43 29.38
C TRP A 105 4.84 -15.49 29.04
N GLY A 106 4.70 -15.74 27.72
CA GLY A 106 3.81 -16.72 27.12
C GLY A 106 4.54 -17.89 26.47
N GLN A 107 3.95 -18.46 25.37
CA GLN A 107 4.46 -19.62 24.63
C GLN A 107 5.51 -19.25 23.51
N GLY A 108 5.99 -17.99 23.50
CA GLY A 108 6.99 -17.48 22.55
C GLY A 108 6.46 -17.00 21.22
N SER A 109 7.34 -16.92 20.22
CA SER A 109 7.06 -16.51 18.84
C SER A 109 6.14 -17.52 18.12
N GLY A 110 6.58 -18.77 18.02
CA GLY A 110 5.84 -19.81 17.33
C GLY A 110 6.38 -20.14 15.94
N CYS A 111 7.24 -19.25 15.34
CA CYS A 111 7.84 -19.47 14.00
C CYS A 111 8.80 -20.68 14.10
N ASN A 112 8.63 -21.66 13.19
CA ASN A 112 9.41 -22.90 13.14
C ASN A 112 10.66 -22.65 12.29
N GLY A 113 11.61 -21.97 12.92
CA GLY A 113 12.88 -21.59 12.31
C GLY A 113 13.96 -21.28 13.33
N THR A 114 15.19 -21.26 12.85
CA THR A 114 16.40 -21.00 13.62
C THR A 114 17.20 -19.94 12.88
N ILE A 115 17.45 -18.80 13.54
CA ILE A 115 18.20 -17.71 12.91
C ILE A 115 19.52 -17.48 13.66
N SER A 116 20.55 -17.10 12.88
CA SER A 116 21.90 -16.73 13.32
C SER A 116 22.07 -15.20 13.11
N VAL A 117 22.14 -14.46 14.21
CA VAL A 117 22.28 -13.01 14.21
C VAL A 117 23.72 -12.65 14.54
N LEU A 118 24.38 -11.84 13.67
CA LEU A 118 25.74 -11.36 13.92
C LEU A 118 25.68 -9.90 14.41
N LEU A 119 26.17 -9.68 15.64
CA LEU A 119 26.20 -8.37 16.30
C LEU A 119 27.61 -7.77 16.19
N GLU A 120 27.72 -6.60 15.54
CA GLU A 120 28.98 -5.88 15.33
C GLU A 120 28.93 -4.49 15.93
N PRO A 121 29.92 -4.08 16.77
CA PRO A 121 29.88 -2.71 17.30
C PRO A 121 30.24 -1.73 16.19
N VAL A 122 29.38 -0.73 15.95
CA VAL A 122 29.68 0.30 14.95
C VAL A 122 30.72 1.21 15.58
N ASP A 123 32.00 0.78 15.51
CA ASP A 123 33.15 1.50 16.04
C ASP A 123 33.52 2.64 15.08
N LEU A 124 34.50 3.50 15.44
CA LEU A 124 34.88 4.65 14.63
C LEU A 124 35.34 4.19 13.23
N LYS A 125 35.99 3.00 13.14
CA LYS A 125 36.46 2.41 11.89
C LYS A 125 35.27 2.06 10.98
N LEU A 126 34.34 1.22 11.47
CA LEU A 126 33.16 0.77 10.71
C LEU A 126 32.23 1.93 10.41
N ARG A 127 32.09 2.91 11.35
CA ARG A 127 31.29 4.13 11.16
C ARG A 127 31.77 4.85 9.91
N GLN A 128 33.09 5.01 9.80
CA GLN A 128 33.77 5.68 8.69
C GLN A 128 33.54 4.91 7.37
N HIS A 129 33.69 3.56 7.39
CA HIS A 129 33.52 2.71 6.21
C HIS A 129 32.08 2.74 5.70
N LEU A 130 31.10 2.66 6.60
CA LEU A 130 29.67 2.69 6.24
C LEU A 130 29.28 4.09 5.69
N LYS A 131 29.92 5.17 6.18
CA LYS A 131 29.68 6.53 5.68
C LYS A 131 30.16 6.59 4.23
N ARG A 132 31.27 5.91 3.89
CA ARG A 132 31.85 5.84 2.55
C ARG A 132 30.93 5.01 1.64
N VAL A 133 30.30 3.93 2.17
CA VAL A 133 29.35 3.08 1.44
C VAL A 133 28.16 3.94 1.01
N TYR A 134 27.57 4.69 1.97
CA TYR A 134 26.44 5.59 1.77
C TYR A 134 26.75 6.61 0.65
N ASP A 135 27.92 7.27 0.70
CA ASP A 135 28.34 8.22 -0.33
C ASP A 135 28.40 7.58 -1.71
N TYR A 136 28.81 6.30 -1.83
CA TYR A 136 28.84 5.63 -3.13
C TYR A 136 27.42 5.32 -3.61
N LEU A 137 26.48 5.02 -2.71
CA LEU A 137 25.08 4.74 -3.10
C LEU A 137 24.37 6.03 -3.50
N CYS A 138 24.80 7.16 -2.93
CA CYS A 138 24.28 8.50 -3.25
C CYS A 138 24.77 8.89 -4.65
N ALA A 139 25.96 8.41 -5.00
CA ALA A 139 26.57 8.61 -6.30
C ALA A 139 25.93 7.68 -7.34
N GLY A 140 25.23 6.64 -6.88
CA GLY A 140 24.58 5.66 -7.74
C GLY A 140 25.34 4.36 -7.96
N LYS A 141 26.53 4.22 -7.33
CA LYS A 141 27.38 3.01 -7.43
C LYS A 141 27.03 2.00 -6.29
N SER A 142 26.80 0.72 -6.65
CA SER A 142 26.55 -0.39 -5.70
C SER A 142 27.88 -0.80 -5.02
N VAL A 143 27.81 -1.41 -3.83
CA VAL A 143 28.99 -1.81 -3.07
C VAL A 143 28.84 -3.29 -2.64
N PHE A 144 29.84 -4.13 -2.93
CA PHE A 144 29.79 -5.53 -2.55
C PHE A 144 30.50 -5.72 -1.22
N HIS A 145 29.74 -6.14 -0.22
CA HIS A 145 30.28 -6.33 1.13
C HIS A 145 30.49 -7.80 1.41
N VAL A 146 31.60 -8.13 2.08
CA VAL A 146 31.95 -9.49 2.47
C VAL A 146 32.54 -9.46 3.89
N LYS A 147 32.13 -10.43 4.73
CA LYS A 147 32.67 -10.63 6.08
C LYS A 147 33.29 -12.01 6.17
N LYS A 148 34.50 -12.11 6.71
CA LYS A 148 35.19 -13.39 6.98
C LYS A 148 35.01 -13.63 8.46
N LEU A 149 34.29 -14.69 8.82
CA LEU A 149 33.97 -14.98 10.22
C LEU A 149 34.89 -16.04 10.78
N SER A 150 35.13 -15.99 12.11
CA SER A 150 35.91 -17.02 12.79
C SER A 150 34.98 -18.17 13.16
N THR A 151 35.57 -19.30 13.57
CA THR A 151 34.84 -20.50 13.98
C THR A 151 33.94 -20.17 15.21
N SER A 152 34.42 -19.27 16.11
CA SER A 152 33.66 -18.80 17.28
C SER A 152 32.47 -17.91 16.87
N GLY A 153 32.53 -17.32 15.68
CA GLY A 153 31.47 -16.47 15.17
C GLY A 153 31.79 -14.99 15.15
N ALA A 154 33.03 -14.60 15.52
CA ALA A 154 33.43 -13.18 15.50
C ALA A 154 33.83 -12.76 14.06
N VAL A 155 34.16 -11.48 13.84
CA VAL A 155 34.51 -11.07 12.48
C VAL A 155 36.03 -10.91 12.42
N LEU A 156 36.66 -11.71 11.57
CA LEU A 156 38.10 -11.67 11.36
C LEU A 156 38.47 -10.51 10.44
N GLU A 157 37.80 -10.44 9.28
CA GLU A 157 38.00 -9.42 8.25
C GLU A 157 36.71 -9.03 7.60
N TYR A 158 36.69 -7.85 6.98
CA TYR A 158 35.54 -7.38 6.23
C TYR A 158 36.01 -6.37 5.19
N ALA A 159 35.35 -6.36 4.03
CA ALA A 159 35.69 -5.48 2.92
C ALA A 159 34.44 -5.00 2.20
N PHE A 160 34.58 -3.84 1.54
CA PHE A 160 33.58 -3.20 0.69
C PHE A 160 34.19 -3.06 -0.69
N ILE A 161 33.76 -3.91 -1.63
CA ILE A 161 34.28 -4.01 -2.99
C ILE A 161 33.46 -3.14 -3.98
N LEU A 162 34.17 -2.40 -4.85
CA LEU A 162 33.61 -1.56 -5.90
C LEU A 162 33.93 -2.17 -7.29
N ASP A 163 35.13 -2.78 -7.40
CA ASP A 163 35.61 -3.49 -8.58
C ASP A 163 36.66 -4.54 -8.12
N GLU A 164 37.08 -5.46 -9.02
CA GLU A 164 38.04 -6.54 -8.71
C GLU A 164 39.25 -6.02 -7.91
N SER A 165 39.76 -4.80 -8.22
CA SER A 165 40.92 -4.27 -7.52
C SER A 165 40.57 -3.22 -6.46
N VAL A 166 39.48 -2.43 -6.66
CA VAL A 166 39.10 -1.33 -5.78
C VAL A 166 38.20 -1.81 -4.65
N TYR A 167 38.74 -1.79 -3.41
CA TYR A 167 38.00 -2.22 -2.21
C TYR A 167 38.49 -1.45 -0.98
N PHE A 168 37.63 -1.35 0.06
CA PHE A 168 37.98 -0.67 1.32
C PHE A 168 37.41 -1.44 2.52
N GLY A 169 37.82 -1.08 3.73
CA GLY A 169 37.38 -1.74 4.95
C GLY A 169 38.50 -2.20 5.86
N GLU A 170 38.31 -3.36 6.53
CA GLU A 170 39.31 -3.96 7.44
C GLU A 170 39.69 -5.34 6.91
N TRP A 171 40.28 -5.35 5.70
CA TRP A 171 40.70 -6.56 4.99
C TRP A 171 42.21 -6.57 4.88
N HIS A 172 42.84 -7.49 5.60
CA HIS A 172 44.29 -7.55 5.62
C HIS A 172 44.86 -8.65 4.70
N SER A 173 44.15 -9.77 4.48
CA SER A 173 44.69 -10.81 3.63
C SER A 173 44.69 -10.31 2.17
N GLY A 174 44.66 -11.23 1.24
CA GLY A 174 44.73 -10.93 -0.19
C GLY A 174 43.62 -10.13 -0.81
N HIS A 175 43.34 -10.45 -2.07
CA HIS A 175 42.31 -9.85 -2.90
C HIS A 175 40.98 -10.40 -2.40
N PRO A 176 40.10 -9.58 -1.80
CA PRO A 176 38.84 -10.13 -1.27
C PRO A 176 38.01 -10.85 -2.34
N VAL A 177 38.03 -10.31 -3.59
CA VAL A 177 37.32 -10.87 -4.75
C VAL A 177 37.83 -12.30 -5.05
N GLU A 178 39.16 -12.50 -5.05
CA GLU A 178 39.75 -13.80 -5.34
C GLU A 178 39.48 -14.76 -4.17
N TRP A 179 39.38 -14.24 -2.93
CA TRP A 179 39.09 -15.04 -1.74
C TRP A 179 37.66 -15.61 -1.82
N ILE A 180 36.71 -14.80 -2.33
CA ILE A 180 35.30 -15.17 -2.47
C ILE A 180 35.15 -16.24 -3.55
N ARG A 181 35.68 -16.01 -4.77
CA ARG A 181 35.53 -16.97 -5.89
C ARG A 181 36.16 -18.33 -5.51
N LYS A 182 37.28 -18.34 -4.78
CA LYS A 182 37.97 -19.57 -4.36
C LYS A 182 37.44 -20.12 -3.00
N ILE A 183 36.12 -19.96 -2.72
CA ILE A 183 35.50 -20.42 -1.46
C ILE A 183 35.21 -21.98 -1.51
N ASP A 184 34.66 -22.55 -0.38
CA ASP A 184 34.32 -23.97 -0.15
C ASP A 184 33.46 -24.56 -1.29
N GLU A 185 32.27 -23.96 -1.56
CA GLU A 185 31.30 -24.32 -2.61
C GLU A 185 30.22 -23.21 -2.69
N ASN A 186 28.97 -23.52 -2.24
CA ASN A 186 27.83 -22.58 -2.20
C ASN A 186 27.88 -21.77 -0.89
N GLU A 187 29.10 -21.24 -0.60
CA GLU A 187 29.56 -20.45 0.56
C GLU A 187 30.03 -21.36 1.72
N GLU A 188 31.29 -21.14 2.19
CA GLU A 188 31.81 -21.74 3.40
C GLU A 188 31.06 -21.09 4.54
N PRO A 189 30.50 -21.82 5.52
CA PRO A 189 29.69 -21.15 6.56
C PRO A 189 30.36 -19.92 7.23
N LEU A 190 31.70 -19.78 7.14
CA LEU A 190 32.44 -18.67 7.74
C LEU A 190 32.52 -17.43 6.80
N MSE A 191 31.67 -17.35 5.75
CA MSE A 191 31.60 -16.24 4.82
C MSE A 191 30.17 -15.72 4.67
O MSE A 191 29.25 -16.52 4.47
CB MSE A 191 32.12 -16.64 3.43
CG MSE A 191 32.17 -15.46 2.43
SE MSE A 191 32.31 -15.97 0.56
CE MSE A 191 30.53 -16.67 0.32
N PHE A 192 30.00 -14.39 4.76
CA PHE A 192 28.75 -13.68 4.56
C PHE A 192 28.96 -12.57 3.55
N THR A 193 28.07 -12.47 2.56
CA THR A 193 28.11 -11.46 1.53
C THR A 193 26.77 -10.75 1.45
N HIS A 194 26.81 -9.48 1.08
CA HIS A 194 25.65 -8.62 0.94
C HIS A 194 25.97 -7.48 -0.02
N ILE A 195 25.04 -7.18 -0.91
CA ILE A 195 25.23 -6.09 -1.87
C ILE A 195 24.44 -4.90 -1.43
N TYR A 196 25.14 -3.79 -1.25
CA TYR A 196 24.54 -2.53 -0.92
C TYR A 196 24.22 -1.84 -2.22
N SER A 197 22.94 -1.74 -2.58
CA SER A 197 22.65 -1.06 -3.87
C SER A 197 21.87 0.22 -3.66
N PRO A 198 21.90 1.19 -4.62
CA PRO A 198 21.06 2.39 -4.46
C PRO A 198 19.58 2.06 -4.69
N LYS A 199 18.71 3.00 -4.37
CA LYS A 199 17.27 2.82 -4.54
C LYS A 199 16.86 2.57 -6.01
N GLU A 200 15.85 1.73 -6.20
CA GLU A 200 15.23 1.49 -7.49
C GLU A 200 14.50 2.76 -7.88
N ARG A 201 14.58 3.14 -9.16
CA ARG A 201 13.95 4.37 -9.63
C ARG A 201 12.62 4.12 -10.25
N LEU A 202 11.65 4.97 -9.92
CA LEU A 202 10.30 4.95 -10.46
C LEU A 202 10.02 6.31 -11.07
N ILE A 203 9.99 6.35 -12.41
CA ILE A 203 9.80 7.56 -13.20
C ILE A 203 8.33 7.63 -13.59
N ILE A 204 7.61 8.60 -13.00
CA ILE A 204 6.17 8.78 -13.20
C ILE A 204 5.90 9.97 -14.13
N PHE A 205 5.22 9.69 -15.24
CA PHE A 205 4.77 10.66 -16.22
C PHE A 205 3.32 11.00 -15.93
N GLY A 206 3.12 12.19 -15.36
CA GLY A 206 1.81 12.69 -14.98
C GLY A 206 1.81 13.16 -13.54
N ALA A 207 1.13 14.29 -13.28
CA ALA A 207 1.03 14.84 -11.93
C ALA A 207 -0.46 15.16 -11.58
N GLY A 208 -1.37 14.34 -12.09
CA GLY A 208 -2.80 14.44 -11.78
C GLY A 208 -3.10 14.08 -10.34
N PRO A 209 -4.34 14.33 -9.84
CA PRO A 209 -4.64 14.02 -8.41
C PRO A 209 -4.63 12.52 -8.05
N ASP A 210 -4.40 11.63 -9.04
CA ASP A 210 -4.32 10.19 -8.80
C ASP A 210 -2.86 9.72 -8.53
N VAL A 211 -1.87 10.61 -8.81
CA VAL A 211 -0.43 10.33 -8.71
C VAL A 211 0.08 10.51 -7.25
N PRO A 212 -0.37 11.49 -6.42
CA PRO A 212 0.18 11.60 -5.05
C PRO A 212 0.11 10.29 -4.22
N PRO A 213 -0.99 9.45 -4.20
CA PRO A 213 -0.94 8.21 -3.39
C PRO A 213 0.12 7.23 -3.88
N LEU A 214 0.32 7.12 -5.21
CA LEU A 214 1.31 6.26 -5.81
C LEU A 214 2.73 6.67 -5.39
N VAL A 215 3.01 7.99 -5.35
CA VAL A 215 4.32 8.51 -4.94
C VAL A 215 4.54 8.10 -3.47
N THR A 216 3.52 8.24 -2.59
CA THR A 216 3.62 7.90 -1.18
C THR A 216 3.87 6.40 -0.99
N PHE A 217 3.06 5.55 -1.61
CA PHE A 217 3.20 4.11 -1.47
C PHE A 217 4.54 3.66 -2.04
N ALA A 218 4.96 4.16 -3.20
CA ALA A 218 6.24 3.78 -3.81
C ALA A 218 7.42 4.26 -2.99
N SER A 219 7.33 5.46 -2.42
CA SER A 219 8.39 6.04 -1.59
C SER A 219 8.58 5.22 -0.31
N ASN A 220 7.47 4.88 0.39
CA ASN A 220 7.44 4.11 1.63
C ASN A 220 8.02 2.69 1.44
N VAL A 221 7.79 2.08 0.28
CA VAL A 221 8.29 0.74 -0.04
C VAL A 221 9.79 0.81 -0.45
N GLY A 222 10.31 2.01 -0.77
CA GLY A 222 11.74 2.17 -1.05
C GLY A 222 12.20 2.61 -2.42
N PHE A 223 11.28 3.16 -3.23
CA PHE A 223 11.65 3.67 -4.54
C PHE A 223 12.11 5.09 -4.52
N TYR A 224 13.04 5.41 -5.43
CA TYR A 224 13.44 6.77 -5.74
C TYR A 224 12.39 7.27 -6.73
N THR A 225 11.59 8.27 -6.35
CA THR A 225 10.49 8.70 -7.19
C THR A 225 10.79 10.04 -7.90
N VAL A 226 10.56 10.03 -9.23
CA VAL A 226 10.66 11.19 -10.12
C VAL A 226 9.28 11.40 -10.72
N VAL A 227 8.71 12.59 -10.49
CA VAL A 227 7.42 13.02 -11.02
C VAL A 227 7.68 14.07 -12.06
N THR A 228 7.12 13.90 -13.26
CA THR A 228 7.26 14.89 -14.33
C THR A 228 5.87 15.10 -14.99
N ASP A 229 5.58 16.37 -15.27
CA ASP A 229 4.37 16.87 -15.92
C ASP A 229 4.69 18.26 -16.49
N TRP A 230 3.91 18.71 -17.47
CA TRP A 230 4.11 19.97 -18.17
C TRP A 230 3.26 21.10 -17.55
N ARG A 231 2.42 20.80 -16.54
CA ARG A 231 1.49 21.72 -15.87
C ARG A 231 1.99 22.11 -14.47
N PRO A 232 2.57 23.33 -14.36
CA PRO A 232 3.25 23.72 -13.11
C PRO A 232 2.37 23.72 -11.86
N ASN A 233 1.04 24.01 -11.98
CA ASN A 233 0.23 24.07 -10.76
CA ASN A 233 0.17 24.06 -10.80
C ASN A 233 -0.14 22.65 -10.28
N GLN A 234 0.03 21.61 -11.10
CA GLN A 234 -0.24 20.25 -10.59
C GLN A 234 1.01 19.73 -9.86
N CYS A 235 2.19 20.39 -10.10
CA CYS A 235 3.51 19.99 -9.62
C CYS A 235 3.96 20.78 -8.38
N GLU A 236 3.05 21.43 -7.64
CA GLU A 236 3.47 22.11 -6.40
C GLU A 236 4.06 21.03 -5.45
N LYS A 237 5.16 21.33 -4.73
CA LYS A 237 5.83 20.35 -3.86
C LYS A 237 4.89 19.81 -2.76
N HIS A 238 3.93 20.61 -2.27
CA HIS A 238 3.04 20.14 -1.20
C HIS A 238 2.16 18.96 -1.68
N PHE A 239 1.93 18.81 -3.01
CA PHE A 239 1.19 17.65 -3.54
C PHE A 239 2.01 16.37 -3.46
N PHE A 240 3.35 16.48 -3.63
CA PHE A 240 4.26 15.33 -3.65
C PHE A 240 5.43 15.52 -2.66
N PRO A 241 5.16 15.56 -1.34
CA PRO A 241 6.26 15.76 -0.39
C PRO A 241 7.24 14.59 -0.32
N ASP A 242 6.85 13.40 -0.81
CA ASP A 242 7.70 12.20 -0.75
C ASP A 242 8.50 11.99 -2.04
N ALA A 243 8.20 12.78 -3.10
CA ALA A 243 8.90 12.71 -4.37
C ALA A 243 10.29 13.25 -4.22
N ASP A 244 11.27 12.52 -4.76
CA ASP A 244 12.68 12.88 -4.72
C ASP A 244 12.94 14.00 -5.73
N GLU A 245 12.29 13.95 -6.90
CA GLU A 245 12.39 14.96 -7.94
C GLU A 245 11.03 15.23 -8.54
N ILE A 246 10.73 16.51 -8.77
CA ILE A 246 9.54 16.98 -9.46
C ILE A 246 10.08 17.82 -10.62
N ILE A 247 9.98 17.35 -11.88
CA ILE A 247 10.53 18.09 -13.03
C ILE A 247 9.37 18.59 -13.95
N VAL A 248 9.18 19.93 -14.01
CA VAL A 248 8.11 20.55 -14.80
C VAL A 248 8.65 20.79 -16.23
N ASP A 249 8.16 20.00 -17.17
CA ASP A 249 8.59 19.99 -18.57
C ASP A 249 7.63 19.24 -19.46
N PHE A 250 7.67 19.50 -20.78
CA PHE A 250 6.90 18.68 -21.72
C PHE A 250 7.59 17.32 -21.86
N PRO A 251 6.85 16.18 -21.93
CA PRO A 251 7.48 14.85 -22.01
C PRO A 251 8.66 14.77 -22.97
N ALA A 252 8.54 15.39 -24.17
CA ALA A 252 9.57 15.41 -25.20
C ALA A 252 10.86 16.07 -24.70
N ASP A 253 10.76 17.11 -23.85
CA ASP A 253 11.92 17.80 -23.29
C ASP A 253 12.51 16.97 -22.19
N PHE A 254 11.67 16.38 -21.35
CA PHE A 254 12.11 15.52 -20.26
C PHE A 254 12.95 14.37 -20.81
N LEU A 255 12.42 13.63 -21.81
CA LEU A 255 13.06 12.46 -22.45
C LEU A 255 14.38 12.86 -23.12
N ARG A 256 14.47 14.08 -23.63
CA ARG A 256 15.71 14.57 -24.22
C ARG A 256 16.77 14.82 -23.12
N LYS A 257 16.37 15.48 -22.03
CA LYS A 257 17.25 15.94 -20.97
C LYS A 257 17.52 14.86 -19.90
N PHE A 258 16.48 14.19 -19.35
CA PHE A 258 16.63 13.20 -18.25
C PHE A 258 16.92 11.81 -18.81
N LEU A 259 18.06 11.25 -18.41
CA LEU A 259 18.49 9.91 -18.81
C LEU A 259 17.73 8.83 -18.02
N ILE A 260 17.13 7.91 -18.77
CA ILE A 260 16.38 6.77 -18.25
C ILE A 260 17.26 5.55 -18.49
N ARG A 261 17.68 4.91 -17.40
CA ARG A 261 18.55 3.76 -17.45
C ARG A 261 17.71 2.48 -17.66
N PRO A 262 18.29 1.35 -18.11
CA PRO A 262 17.47 0.15 -18.37
C PRO A 262 16.90 -0.51 -17.10
N ASP A 263 17.51 -0.26 -15.92
CA ASP A 263 17.07 -0.85 -14.66
C ASP A 263 15.95 0.01 -14.00
N ASP A 264 15.50 1.09 -14.68
CA ASP A 264 14.45 1.97 -14.19
C ASP A 264 13.04 1.39 -14.47
N PHE A 265 12.05 1.90 -13.70
CA PHE A 265 10.62 1.59 -13.78
C PHE A 265 9.86 2.82 -14.27
N VAL A 266 9.12 2.69 -15.36
CA VAL A 266 8.38 3.82 -15.92
C VAL A 266 6.89 3.58 -15.74
N LEU A 267 6.18 4.66 -15.38
CA LEU A 267 4.75 4.69 -15.17
C LEU A 267 4.16 5.89 -15.92
N ILE A 268 3.42 5.61 -17.01
CA ILE A 268 2.80 6.57 -17.92
C ILE A 268 1.35 6.77 -17.48
N MSE A 269 1.03 7.92 -16.87
CA MSE A 269 -0.34 8.17 -16.39
C MSE A 269 -0.70 9.64 -16.48
O MSE A 269 -1.12 10.25 -15.47
CB MSE A 269 -0.52 7.67 -14.96
CG MSE A 269 0.69 7.93 -14.05
SE MSE A 269 0.41 7.05 -12.35
CE MSE A 269 -0.07 5.32 -12.97
N THR A 270 -0.58 10.20 -17.71
CA THR A 270 -0.83 11.61 -17.97
C THR A 270 -2.30 11.86 -18.25
N HIS A 271 -3.06 10.83 -18.69
CA HIS A 271 -4.49 10.88 -19.06
C HIS A 271 -4.67 11.68 -20.36
N HIS A 272 -3.57 11.90 -21.10
CA HIS A 272 -3.48 12.62 -22.38
C HIS A 272 -2.88 11.69 -23.38
N PHE A 273 -3.68 11.29 -24.38
CA PHE A 273 -3.32 10.31 -25.39
C PHE A 273 -2.05 10.71 -26.14
N GLN A 274 -2.01 11.90 -26.74
CA GLN A 274 -0.84 12.36 -27.51
C GLN A 274 0.43 12.37 -26.65
N LYS A 275 0.32 12.80 -25.37
CA LYS A 275 1.44 12.85 -24.43
C LYS A 275 1.93 11.43 -24.14
N ASP A 276 1.00 10.50 -23.76
CA ASP A 276 1.30 9.09 -23.50
C ASP A 276 1.94 8.42 -24.72
N GLN A 277 1.44 8.75 -25.92
CA GLN A 277 1.97 8.22 -27.16
C GLN A 277 3.39 8.71 -27.42
N GLU A 278 3.76 10.01 -27.13
CA GLU A 278 5.16 10.40 -27.40
C GLU A 278 6.07 9.71 -26.39
N ILE A 279 5.61 9.57 -25.12
CA ILE A 279 6.40 8.92 -24.06
C ILE A 279 6.67 7.44 -24.46
N LEU A 280 5.61 6.67 -24.78
CA LEU A 280 5.72 5.26 -25.15
C LEU A 280 6.59 5.05 -26.41
N HIS A 281 6.36 5.81 -27.48
CA HIS A 281 7.09 5.71 -28.74
C HIS A 281 8.58 5.96 -28.54
N PHE A 282 8.95 6.81 -27.57
CA PHE A 282 10.34 7.11 -27.29
C PHE A 282 11.02 5.92 -26.60
N LEU A 283 10.33 5.34 -25.60
CA LEU A 283 10.80 4.24 -24.77
C LEU A 283 10.72 2.88 -25.44
N LEU A 284 10.16 2.80 -26.68
CA LEU A 284 9.96 1.55 -27.39
C LEU A 284 11.22 0.72 -27.57
N GLU A 285 12.24 1.22 -28.26
CA GLU A 285 13.42 0.39 -28.51
C GLU A 285 14.35 0.38 -27.30
N LYS A 286 14.17 1.34 -26.35
CA LYS A 286 14.97 1.45 -25.13
CA LYS A 286 15.01 1.43 -25.15
C LYS A 286 14.72 0.23 -24.24
N GLU A 287 15.78 -0.51 -23.86
CA GLU A 287 15.62 -1.69 -22.99
C GLU A 287 15.16 -1.19 -21.63
N LEU A 288 14.01 -1.68 -21.12
CA LEU A 288 13.51 -1.20 -19.82
C LEU A 288 13.02 -2.33 -18.94
N ARG A 289 13.22 -2.16 -17.63
CA ARG A 289 12.80 -3.08 -16.59
C ARG A 289 11.28 -3.22 -16.59
N TYR A 290 10.56 -2.08 -16.70
CA TYR A 290 9.11 -2.00 -16.61
C TYR A 290 8.52 -0.73 -17.27
N ILE A 291 7.38 -0.87 -18.01
CA ILE A 291 6.58 0.22 -18.60
C ILE A 291 5.12 -0.09 -18.28
N GLY A 292 4.53 0.76 -17.45
CA GLY A 292 3.14 0.59 -17.05
C GLY A 292 2.34 1.76 -17.57
N ILE A 293 1.24 1.48 -18.30
CA ILE A 293 0.41 2.55 -18.84
C ILE A 293 -1.00 2.42 -18.27
N LEU A 294 -1.47 3.50 -17.64
CA LEU A 294 -2.79 3.61 -17.05
C LEU A 294 -3.83 3.71 -18.17
N GLY A 295 -4.74 2.74 -18.19
CA GLY A 295 -5.80 2.64 -19.19
C GLY A 295 -6.02 1.21 -19.60
N SER A 296 -6.83 1.03 -20.64
CA SER A 296 -7.22 -0.27 -21.20
C SER A 296 -6.23 -0.76 -22.24
N LYS A 297 -6.23 -2.10 -22.51
CA LYS A 297 -5.39 -2.72 -23.54
C LYS A 297 -5.67 -2.08 -24.90
N GLU A 298 -6.96 -1.76 -25.20
CA GLU A 298 -7.42 -1.13 -26.45
C GLU A 298 -6.76 0.26 -26.63
N ARG A 299 -6.72 1.06 -25.55
CA ARG A 299 -6.12 2.41 -25.56
C ARG A 299 -4.65 2.33 -25.87
N THR A 300 -3.98 1.34 -25.23
CA THR A 300 -2.54 1.09 -25.34
C THR A 300 -2.27 0.46 -26.73
N ARG A 301 -3.25 -0.26 -27.34
CA ARG A 301 -3.14 -0.74 -28.72
C ARG A 301 -3.18 0.46 -29.68
N ARG A 302 -4.04 1.45 -29.36
CA ARG A 302 -4.18 2.68 -30.14
C ARG A 302 -2.91 3.53 -29.98
N LEU A 303 -2.31 3.54 -28.76
CA LEU A 303 -1.06 4.25 -28.45
C LEU A 303 0.11 3.67 -29.27
N LEU A 304 0.18 2.32 -29.40
CA LEU A 304 1.22 1.62 -30.14
C LEU A 304 1.02 1.80 -31.63
N GLN A 305 -0.23 2.09 -32.08
CA GLN A 305 -0.64 2.35 -33.48
C GLN A 305 0.20 1.49 -34.46
N ASN A 306 0.08 0.16 -34.29
CA ASN A 306 0.79 -0.89 -35.05
C ASN A 306 2.32 -0.66 -34.96
N ARG A 307 2.84 -0.98 -33.78
CA ARG A 307 4.26 -0.96 -33.39
C ARG A 307 4.55 -2.19 -32.61
N LYS A 308 5.82 -2.64 -32.62
CA LYS A 308 6.16 -3.82 -31.83
C LYS A 308 6.12 -3.42 -30.33
N PRO A 309 5.19 -4.02 -29.53
CA PRO A 309 5.09 -3.65 -28.11
C PRO A 309 6.40 -3.90 -27.37
N PRO A 310 6.74 -3.09 -26.34
CA PRO A 310 7.99 -3.35 -25.60
C PRO A 310 7.89 -4.65 -24.81
N ASP A 311 9.05 -5.30 -24.55
CA ASP A 311 9.12 -6.57 -23.83
C ASP A 311 8.42 -6.51 -22.47
N HIS A 312 8.61 -5.40 -21.69
CA HIS A 312 8.05 -5.35 -20.35
C HIS A 312 6.98 -4.27 -20.23
N LEU A 313 5.98 -4.37 -21.10
CA LEU A 313 4.82 -3.50 -21.10
C LEU A 313 3.72 -4.12 -20.26
N TYR A 314 3.10 -3.32 -19.38
CA TYR A 314 2.03 -3.74 -18.49
C TYR A 314 0.85 -2.80 -18.66
N SER A 315 -0.15 -3.27 -19.38
CA SER A 315 -1.39 -2.53 -19.59
C SER A 315 -2.53 -3.55 -19.66
N PRO A 316 -3.52 -3.49 -18.72
CA PRO A 316 -3.73 -2.46 -17.68
C PRO A 316 -2.66 -2.57 -16.60
N VAL A 317 -2.34 -1.42 -16.00
CA VAL A 317 -1.26 -1.39 -15.04
C VAL A 317 -1.77 -1.97 -13.68
N GLY A 318 -0.84 -2.59 -12.94
CA GLY A 318 -1.10 -3.19 -11.64
C GLY A 318 -1.72 -4.58 -11.69
N LEU A 319 -1.75 -5.25 -10.52
CA LEU A 319 -2.37 -6.56 -10.36
C LEU A 319 -3.88 -6.46 -10.51
N SER A 320 -4.54 -7.50 -11.04
CA SER A 320 -5.97 -7.32 -11.22
C SER A 320 -6.69 -7.70 -9.94
N ILE A 321 -6.95 -6.67 -9.13
CA ILE A 321 -7.62 -6.75 -7.83
C ILE A 321 -8.90 -5.92 -7.93
N ASP A 322 -9.30 -5.55 -9.17
CA ASP A 322 -10.51 -4.76 -9.51
C ASP A 322 -10.53 -3.45 -8.68
N ALA A 323 -9.35 -2.82 -8.55
CA ALA A 323 -9.14 -1.57 -7.82
C ALA A 323 -10.00 -0.43 -8.36
N GLN A 324 -10.52 0.42 -7.47
CA GLN A 324 -11.33 1.59 -7.83
C GLN A 324 -10.83 2.84 -7.09
N GLY A 325 -10.53 3.89 -7.84
CA GLY A 325 -10.02 5.13 -7.27
C GLY A 325 -8.50 5.20 -7.24
N PRO A 326 -7.95 6.42 -7.03
CA PRO A 326 -6.48 6.58 -7.06
C PRO A 326 -5.74 5.76 -6.02
N GLU A 327 -6.26 5.70 -4.81
CA GLU A 327 -5.66 5.04 -3.66
C GLU A 327 -5.52 3.53 -3.87
N GLU A 328 -6.58 2.87 -4.39
CA GLU A 328 -6.57 1.43 -4.64
C GLU A 328 -5.69 1.09 -5.83
N ILE A 329 -5.75 1.90 -6.93
CA ILE A 329 -4.96 1.69 -8.16
C ILE A 329 -3.48 1.79 -7.81
N ALA A 330 -3.12 2.76 -6.94
CA ALA A 330 -1.75 2.96 -6.46
C ALA A 330 -1.23 1.71 -5.73
N ILE A 331 -2.07 1.05 -4.87
CA ILE A 331 -1.70 -0.18 -4.16
C ILE A 331 -1.43 -1.26 -5.20
N SER A 332 -2.33 -1.39 -6.17
CA SER A 332 -2.27 -2.36 -7.27
C SER A 332 -0.95 -2.24 -8.04
N ILE A 333 -0.50 -1.01 -8.30
CA ILE A 333 0.72 -0.76 -9.06
C ILE A 333 1.93 -1.11 -8.20
N VAL A 334 1.98 -0.66 -6.94
CA VAL A 334 3.13 -0.92 -6.04
C VAL A 334 3.22 -2.46 -5.79
N ALA A 335 2.07 -3.16 -5.64
CA ALA A 335 1.99 -4.62 -5.51
C ALA A 335 2.66 -5.30 -6.72
N GLN A 336 2.32 -4.85 -7.94
CA GLN A 336 2.91 -5.32 -9.19
C GLN A 336 4.41 -5.06 -9.24
N LEU A 337 4.85 -3.90 -8.75
CA LEU A 337 6.25 -3.52 -8.75
C LEU A 337 7.04 -4.42 -7.81
N ILE A 338 6.53 -4.65 -6.59
CA ILE A 338 7.12 -5.54 -5.57
C ILE A 338 7.22 -6.97 -6.14
N GLN A 339 6.11 -7.47 -6.71
CA GLN A 339 6.03 -8.79 -7.30
C GLN A 339 7.15 -9.01 -8.34
N LEU A 340 7.42 -8.02 -9.20
CA LEU A 340 8.43 -8.12 -10.26
C LEU A 340 9.85 -7.99 -9.73
N ILE A 341 10.08 -7.17 -8.70
CA ILE A 341 11.42 -7.01 -8.12
C ILE A 341 11.81 -8.30 -7.39
N ARG A 342 10.84 -8.93 -6.73
CA ARG A 342 11.06 -10.15 -5.97
C ARG A 342 11.01 -11.39 -6.86
N SER A 343 10.15 -11.43 -7.91
CA SER A 343 10.05 -12.59 -8.80
C SER A 343 11.28 -12.71 -9.70
N ARG A 344 11.67 -11.60 -10.37
CA ARG A 344 12.79 -11.51 -11.31
C ARG A 344 14.05 -12.14 -10.71
N LYS A 345 14.69 -13.03 -11.51
CA LYS A 345 15.90 -13.79 -11.19
C LYS A 345 16.89 -12.95 -10.36
N GLN A 346 17.23 -13.45 -9.14
CA GLN A 346 18.15 -12.81 -8.18
C GLN A 346 19.59 -12.80 -8.74
N ALA A 347 19.85 -13.65 -9.78
CA ALA A 347 21.12 -13.76 -10.53
C ALA A 347 21.23 -12.63 -11.60
N SER A 348 20.82 -11.41 -11.21
CA SER A 348 20.84 -10.17 -11.99
C SER A 348 21.52 -9.03 -11.16
N SER A 349 22.50 -9.43 -10.30
CA SER A 349 23.27 -8.53 -9.43
C SER A 349 24.28 -7.70 -10.26
N PRO A 350 24.68 -6.48 -9.81
CA PRO A 350 25.65 -5.70 -10.61
C PRO A 350 27.08 -6.25 -10.49
N PHE A 351 27.32 -7.19 -9.55
CA PHE A 351 28.63 -7.81 -9.31
C PHE A 351 28.63 -9.27 -9.80
N SER A 352 27.75 -9.58 -10.76
CA SER A 352 27.65 -10.91 -11.38
C SER A 352 28.83 -11.15 -12.29
N TYR A 353 29.28 -10.08 -12.99
CA TYR A 353 30.39 -10.03 -13.95
C TYR A 353 31.71 -10.49 -13.31
N LEU A 354 31.81 -10.34 -11.98
CA LEU A 354 32.94 -10.69 -11.14
C LEU A 354 33.04 -12.22 -10.98
N PHE A 355 31.92 -12.96 -11.18
CA PHE A 355 31.87 -14.41 -10.99
C PHE A 355 31.13 -15.12 -12.16
N PHE B 17 -13.58 14.81 -9.89
CA PHE B 17 -14.64 13.80 -9.76
C PHE B 17 -14.25 12.67 -8.80
N GLN B 18 -14.06 11.42 -9.33
CA GLN B 18 -13.73 10.18 -8.60
C GLN B 18 -12.30 10.28 -8.00
N GLY B 19 -12.24 10.82 -6.79
CA GLY B 19 -11.02 11.01 -6.02
C GLY B 19 -11.28 11.08 -4.52
N MSE B 20 -12.57 11.28 -4.14
CA MSE B 20 -13.02 11.39 -2.76
C MSE B 20 -14.13 10.35 -2.50
O MSE B 20 -15.07 10.25 -3.27
CB MSE B 20 -13.52 12.82 -2.51
CG MSE B 20 -13.81 13.13 -1.04
SE MSE B 20 -14.52 14.93 -0.77
CE MSE B 20 -13.02 16.00 -1.48
N SER B 21 -13.99 9.57 -1.38
CA SER B 21 -14.93 8.53 -0.94
C SER B 21 -16.34 9.05 -0.78
N ASP B 22 -17.32 8.15 -0.81
CA ASP B 22 -18.73 8.53 -0.61
C ASP B 22 -18.91 9.12 0.79
N ILE B 23 -18.35 8.45 1.81
CA ILE B 23 -18.47 8.87 3.19
C ILE B 23 -17.66 10.19 3.38
N GLU B 24 -16.52 10.33 2.67
CA GLU B 24 -15.69 11.54 2.75
C GLU B 24 -16.39 12.76 2.10
N LEU B 25 -17.33 12.49 1.18
CA LEU B 25 -18.10 13.48 0.45
C LEU B 25 -19.31 13.91 1.25
N LEU B 26 -20.04 12.96 1.86
CA LEU B 26 -21.20 13.26 2.69
C LEU B 26 -20.78 13.98 3.95
N GLU B 27 -19.53 13.76 4.40
CA GLU B 27 -18.97 14.40 5.60
C GLU B 27 -18.87 15.91 5.35
N THR B 28 -18.41 16.29 4.14
CA THR B 28 -18.20 17.64 3.65
C THR B 28 -19.54 18.45 3.71
N LEU B 29 -20.69 17.79 3.48
CA LEU B 29 -22.01 18.44 3.55
C LEU B 29 -22.41 18.82 4.98
N ALA B 30 -21.96 18.03 5.98
CA ALA B 30 -22.27 18.26 7.41
C ALA B 30 -21.59 19.54 7.94
N GLY B 31 -20.31 19.73 7.60
CA GLY B 31 -19.54 20.91 7.99
C GLY B 31 -19.58 21.91 6.86
N THR B 32 -20.79 22.41 6.54
CA THR B 32 -20.97 23.32 5.42
C THR B 32 -22.00 24.40 5.73
N ASP B 33 -23.30 24.12 5.43
CA ASP B 33 -24.47 25.02 5.50
C ASP B 33 -24.35 26.05 4.33
N GLN B 34 -23.25 25.95 3.56
CA GLN B 34 -22.86 26.75 2.40
C GLN B 34 -23.61 26.29 1.14
N PRO B 35 -24.00 27.22 0.22
CA PRO B 35 -24.72 26.78 -1.00
C PRO B 35 -23.90 25.79 -1.82
N ARG B 36 -24.47 24.59 -2.08
CA ARG B 36 -23.77 23.54 -2.81
C ARG B 36 -24.71 22.76 -3.74
N VAL B 37 -24.17 22.37 -4.91
CA VAL B 37 -24.78 21.59 -5.98
C VAL B 37 -23.99 20.30 -6.17
N MSE B 38 -24.65 19.15 -6.14
CA MSE B 38 -23.95 17.88 -6.30
C MSE B 38 -24.11 17.30 -7.72
O MSE B 38 -25.24 17.18 -8.22
CB MSE B 38 -24.46 16.87 -5.28
CG MSE B 38 -23.66 15.57 -5.30
SE MSE B 38 -24.48 14.15 -4.30
CE MSE B 38 -26.27 14.03 -5.21
N ALA B 39 -22.97 16.90 -8.33
CA ALA B 39 -22.90 16.28 -9.66
C ALA B 39 -22.71 14.77 -9.55
N THR B 40 -23.37 14.00 -10.41
CA THR B 40 -23.28 12.53 -10.40
C THR B 40 -23.29 12.02 -11.85
N ILE B 41 -22.32 11.14 -12.17
CA ILE B 41 -22.27 10.50 -13.50
C ILE B 41 -23.30 9.38 -13.46
N ILE B 42 -24.47 9.62 -14.08
CA ILE B 42 -25.58 8.66 -14.07
C ILE B 42 -25.51 7.72 -15.28
N HIS B 43 -24.66 8.02 -16.29
CA HIS B 43 -24.51 7.15 -17.45
C HIS B 43 -23.21 7.44 -18.20
N VAL B 44 -22.61 6.36 -18.74
CA VAL B 44 -21.38 6.37 -19.52
C VAL B 44 -21.58 5.46 -20.73
N GLU B 45 -21.28 5.98 -21.91
CA GLU B 45 -21.28 5.28 -23.18
C GLU B 45 -19.89 5.37 -23.75
N GLY B 46 -19.26 4.21 -23.91
CA GLY B 46 -17.90 4.13 -24.44
C GLY B 46 -16.81 4.26 -23.39
N SER B 47 -15.73 4.96 -23.77
CA SER B 47 -14.54 5.14 -22.92
C SER B 47 -14.59 6.45 -22.13
N SER B 48 -14.25 6.34 -20.83
CA SER B 48 -14.13 7.43 -19.85
C SER B 48 -13.30 6.95 -18.68
N TYR B 49 -12.37 7.80 -18.16
CA TYR B 49 -11.55 7.47 -16.97
C TYR B 49 -12.42 7.45 -15.70
N ARG B 50 -13.52 8.25 -15.70
CA ARG B 50 -14.53 8.37 -14.63
C ARG B 50 -15.64 7.34 -14.87
N LYS B 51 -16.03 6.53 -13.84
CA LYS B 51 -17.06 5.48 -13.97
C LYS B 51 -18.45 6.01 -13.63
N GLU B 52 -19.51 5.24 -13.95
CA GLU B 52 -20.88 5.61 -13.59
C GLU B 52 -21.04 5.50 -12.08
N GLY B 53 -21.58 6.54 -11.45
CA GLY B 53 -21.78 6.61 -10.00
C GLY B 53 -20.85 7.58 -9.31
N ALA B 54 -19.82 8.06 -10.05
CA ALA B 54 -18.84 9.05 -9.57
C ALA B 54 -19.53 10.36 -9.25
N MSE B 55 -19.19 10.94 -8.08
CA MSE B 55 -19.78 12.18 -7.59
C MSE B 55 -18.74 13.25 -7.33
O MSE B 55 -17.56 12.97 -7.16
CB MSE B 55 -20.54 11.96 -6.30
CG MSE B 55 -21.79 11.14 -6.49
SE MSE B 55 -22.37 10.52 -4.78
CE MSE B 55 -23.62 9.14 -5.48
N MSE B 56 -19.24 14.48 -7.26
CA MSE B 56 -18.45 15.68 -7.09
C MSE B 56 -19.34 16.81 -6.54
O MSE B 56 -20.52 16.88 -6.87
CB MSE B 56 -17.89 16.04 -8.46
CG MSE B 56 -16.97 17.18 -8.46
SE MSE B 56 -16.56 17.54 -10.28
CE MSE B 56 -15.37 18.98 -9.97
N LEU B 57 -18.77 17.69 -5.70
CA LEU B 57 -19.50 18.81 -5.13
C LEU B 57 -19.02 20.14 -5.67
N PHE B 58 -19.94 20.94 -6.18
CA PHE B 58 -19.67 22.29 -6.66
C PHE B 58 -20.13 23.25 -5.56
N GLN B 59 -19.20 24.06 -5.03
CA GLN B 59 -19.47 25.05 -3.97
C GLN B 59 -19.64 26.42 -4.59
N GLU B 60 -20.78 27.11 -4.32
CA GLU B 60 -21.06 28.44 -4.90
C GLU B 60 -20.27 29.54 -4.14
N ASP B 61 -19.11 29.90 -4.76
CA ASP B 61 -18.10 30.86 -4.29
C ASP B 61 -18.14 32.16 -5.12
N GLY B 70 -10.07 22.45 -12.37
CA GLY B 70 -9.05 21.88 -13.25
C GLY B 70 -9.61 20.93 -14.28
N GLY B 71 -9.76 21.44 -15.52
CA GLY B 71 -10.28 20.69 -16.66
C GLY B 71 -11.35 21.46 -17.41
N CYS B 72 -11.53 21.15 -18.71
CA CYS B 72 -12.51 21.80 -19.58
C CYS B 72 -13.96 21.35 -19.24
N LEU B 73 -14.17 20.06 -18.83
CA LEU B 73 -15.52 19.59 -18.51
C LEU B 73 -16.02 20.23 -17.22
N GLU B 74 -15.19 20.17 -16.16
CA GLU B 74 -15.45 20.73 -14.82
C GLU B 74 -15.73 22.22 -14.87
N THR B 75 -15.10 22.95 -15.81
CA THR B 75 -15.34 24.39 -15.95
C THR B 75 -16.76 24.59 -16.50
N ASP B 76 -17.20 23.79 -17.50
CA ASP B 76 -18.57 23.97 -18.02
C ASP B 76 -19.60 23.61 -16.94
N LEU B 77 -19.35 22.52 -16.17
CA LEU B 77 -20.21 22.07 -15.08
C LEU B 77 -20.37 23.14 -14.01
N THR B 78 -19.30 23.91 -13.70
CA THR B 78 -19.28 25.01 -12.74
C THR B 78 -20.33 26.07 -13.11
N ILE B 79 -20.44 26.39 -14.41
CA ILE B 79 -21.40 27.37 -14.92
C ILE B 79 -22.80 26.75 -14.82
N LYS B 80 -22.95 25.46 -15.25
CA LYS B 80 -24.23 24.74 -15.20
C LYS B 80 -24.72 24.64 -13.73
N ALA B 81 -23.80 24.30 -12.79
CA ALA B 81 -24.06 24.18 -11.35
C ALA B 81 -24.60 25.48 -10.77
N GLN B 82 -24.03 26.61 -11.21
CA GLN B 82 -24.41 27.96 -10.81
C GLN B 82 -25.87 28.24 -11.21
N LYS B 83 -26.27 27.78 -12.43
CA LYS B 83 -27.62 27.94 -12.96
C LYS B 83 -28.60 27.04 -12.20
N VAL B 84 -28.21 25.76 -11.97
CA VAL B 84 -28.99 24.74 -11.23
C VAL B 84 -29.30 25.28 -9.81
N TRP B 85 -28.32 25.92 -9.13
CA TRP B 85 -28.55 26.47 -7.81
C TRP B 85 -29.57 27.60 -7.84
N GLN B 86 -29.40 28.53 -8.80
CA GLN B 86 -30.28 29.68 -8.95
C GLN B 86 -31.73 29.21 -9.25
N GLU B 87 -31.90 28.32 -10.26
CA GLU B 87 -33.19 27.75 -10.66
C GLU B 87 -33.78 26.82 -9.60
N GLN B 88 -32.89 26.24 -8.75
CA GLN B 88 -33.19 25.28 -7.70
C GLN B 88 -33.94 24.08 -8.36
N LEU B 89 -33.42 23.67 -9.54
CA LEU B 89 -33.97 22.62 -10.38
C LEU B 89 -32.87 21.72 -10.96
N PRO B 90 -32.94 20.38 -10.71
CA PRO B 90 -31.94 19.47 -11.28
C PRO B 90 -31.96 19.43 -12.79
N ARG B 91 -30.81 19.07 -13.38
CA ARG B 91 -30.73 18.92 -14.82
C ARG B 91 -29.66 17.89 -15.16
N THR B 92 -29.86 17.20 -16.28
CA THR B 92 -28.92 16.23 -16.80
C THR B 92 -28.19 16.89 -17.97
N VAL B 93 -26.86 16.85 -17.94
CA VAL B 93 -26.05 17.42 -19.00
C VAL B 93 -25.30 16.26 -19.65
N VAL B 94 -25.37 16.19 -20.99
CA VAL B 94 -24.72 15.15 -21.76
C VAL B 94 -23.48 15.75 -22.42
N TYR B 95 -22.34 15.06 -22.28
CA TYR B 95 -21.07 15.48 -22.85
C TYR B 95 -20.51 14.46 -23.82
N ASP B 96 -20.38 14.84 -25.10
CA ASP B 96 -19.78 13.98 -26.10
C ASP B 96 -18.28 14.09 -25.90
N LEU B 97 -17.80 13.08 -25.16
CA LEU B 97 -16.44 12.84 -24.69
C LEU B 97 -15.47 12.57 -25.85
N SER B 98 -16.02 12.33 -27.08
CA SER B 98 -15.29 12.03 -28.31
C SER B 98 -14.30 13.16 -28.67
N SER B 99 -13.00 12.89 -28.43
CA SER B 99 -11.81 13.73 -28.67
C SER B 99 -10.54 12.89 -28.47
N GLU B 100 -9.55 13.02 -29.39
CA GLU B 100 -8.28 12.28 -29.29
C GLU B 100 -7.29 13.09 -28.40
N ASP B 101 -7.69 13.25 -27.13
CA ASP B 101 -7.04 13.92 -26.01
C ASP B 101 -7.66 13.40 -24.72
N ASP B 102 -8.76 12.63 -24.87
CA ASP B 102 -9.61 11.94 -23.88
C ASP B 102 -10.48 12.99 -23.10
N LEU B 103 -10.97 14.04 -23.83
CA LEU B 103 -11.80 15.12 -23.30
C LEU B 103 -12.94 15.50 -24.27
N THR B 114 -19.19 9.19 -24.30
CA THR B 114 -20.29 10.11 -24.01
C THR B 114 -20.78 9.91 -22.58
N ILE B 115 -20.79 10.99 -21.76
CA ILE B 115 -21.20 10.89 -20.36
C ILE B 115 -22.45 11.75 -20.09
N SER B 116 -23.20 11.36 -19.05
CA SER B 116 -24.42 12.00 -18.57
C SER B 116 -24.23 12.39 -17.10
N VAL B 117 -24.11 13.71 -16.87
CA VAL B 117 -23.89 14.27 -15.53
C VAL B 117 -25.21 14.82 -15.01
N LEU B 118 -25.58 14.42 -13.79
CA LEU B 118 -26.78 14.91 -13.14
C LEU B 118 -26.40 15.95 -12.11
N LEU B 119 -26.95 17.13 -12.25
CA LEU B 119 -26.70 18.21 -11.31
C LEU B 119 -27.94 18.43 -10.46
N GLU B 120 -27.81 18.25 -9.13
CA GLU B 120 -28.87 18.40 -8.14
C GLU B 120 -28.52 19.46 -7.11
N PRO B 121 -29.38 20.48 -6.88
CA PRO B 121 -29.05 21.45 -5.82
C PRO B 121 -29.22 20.79 -4.46
N VAL B 122 -28.19 20.86 -3.60
CA VAL B 122 -28.28 20.30 -2.26
C VAL B 122 -29.13 21.29 -1.46
N ASP B 123 -30.46 21.15 -1.59
CA ASP B 123 -31.46 21.98 -0.92
C ASP B 123 -31.60 21.50 0.53
N LEU B 124 -32.39 22.21 1.36
CA LEU B 124 -32.58 21.88 2.77
C LEU B 124 -33.09 20.44 2.92
N LYS B 125 -33.96 19.97 1.98
CA LYS B 125 -34.53 18.62 1.98
C LYS B 125 -33.41 17.58 1.79
N LEU B 126 -32.65 17.67 0.67
CA LEU B 126 -31.59 16.73 0.33
C LEU B 126 -30.45 16.82 1.34
N ARG B 127 -30.13 18.04 1.85
CA ARG B 127 -29.10 18.24 2.88
C ARG B 127 -29.40 17.39 4.11
N GLN B 128 -30.68 17.43 4.54
CA GLN B 128 -31.21 16.69 5.68
C GLN B 128 -31.10 15.16 5.43
N HIS B 129 -31.52 14.69 4.23
CA HIS B 129 -31.49 13.27 3.86
C HIS B 129 -30.06 12.73 3.81
N LEU B 130 -29.12 13.48 3.22
CA LEU B 130 -27.73 13.08 3.09
C LEU B 130 -27.05 13.07 4.47
N LYS B 131 -27.48 13.95 5.41
CA LYS B 131 -26.96 13.96 6.79
C LYS B 131 -27.35 12.67 7.48
N ARG B 132 -28.58 12.17 7.20
CA ARG B 132 -29.11 10.91 7.74
C ARG B 132 -28.34 9.71 7.12
N VAL B 133 -27.98 9.79 5.83
CA VAL B 133 -27.21 8.75 5.14
C VAL B 133 -25.84 8.61 5.83
N TYR B 134 -25.14 9.75 6.03
CA TYR B 134 -23.84 9.84 6.69
C TYR B 134 -23.88 9.17 8.07
N ASP B 135 -24.89 9.50 8.89
CA ASP B 135 -25.07 8.92 10.23
C ASP B 135 -25.20 7.39 10.15
N TYR B 136 -25.87 6.84 9.11
CA TYR B 136 -26.00 5.39 8.98
C TYR B 136 -24.67 4.76 8.56
N LEU B 137 -23.84 5.46 7.78
CA LEU B 137 -22.54 4.92 7.36
C LEU B 137 -21.53 4.98 8.52
N CYS B 138 -21.73 5.95 9.45
CA CYS B 138 -20.93 6.10 10.66
C CYS B 138 -21.27 4.96 11.61
N ALA B 139 -22.53 4.51 11.56
CA ALA B 139 -23.05 3.40 12.34
C ALA B 139 -22.58 2.07 11.74
N GLY B 140 -22.14 2.09 10.48
CA GLY B 140 -21.65 0.92 9.76
C GLY B 140 -22.65 0.26 8.84
N LYS B 141 -23.88 0.85 8.73
CA LYS B 141 -24.96 0.35 7.87
C LYS B 141 -24.89 1.01 6.48
N SER B 142 -24.93 0.19 5.39
CA SER B 142 -24.97 0.64 4.00
C SER B 142 -26.36 1.19 3.65
N VAL B 143 -26.44 2.09 2.65
CA VAL B 143 -27.70 2.73 2.25
C VAL B 143 -27.89 2.56 0.73
N PHE B 144 -29.04 2.01 0.32
CA PHE B 144 -29.31 1.84 -1.10
C PHE B 144 -30.07 3.05 -1.63
N HIS B 145 -29.44 3.78 -2.53
CA HIS B 145 -30.03 4.97 -3.09
C HIS B 145 -30.57 4.71 -4.48
N VAL B 146 -31.74 5.28 -4.78
CA VAL B 146 -32.38 5.14 -6.09
C VAL B 146 -32.96 6.52 -6.49
N LYS B 147 -32.73 6.92 -7.76
CA LYS B 147 -33.25 8.14 -8.38
C LYS B 147 -34.22 7.77 -9.48
N LYS B 148 -35.43 8.34 -9.45
CA LYS B 148 -36.43 8.14 -10.50
C LYS B 148 -36.36 9.38 -11.35
N LEU B 149 -35.84 9.24 -12.58
CA LEU B 149 -35.62 10.39 -13.43
C LEU B 149 -36.65 10.49 -14.54
N SER B 150 -36.96 11.74 -14.94
CA SER B 150 -37.88 11.98 -16.05
C SER B 150 -37.11 11.83 -17.36
N THR B 151 -37.84 11.75 -18.49
CA THR B 151 -37.26 11.58 -19.83
C THR B 151 -36.41 12.82 -20.17
N SER B 152 -36.81 14.02 -19.67
CA SER B 152 -36.07 15.27 -19.83
C SER B 152 -34.76 15.27 -19.02
N GLY B 153 -34.69 14.45 -17.97
CA GLY B 153 -33.52 14.33 -17.11
C GLY B 153 -33.65 14.96 -15.73
N ALA B 154 -34.89 15.30 -15.32
CA ALA B 154 -35.19 15.87 -14.00
C ALA B 154 -35.41 14.76 -12.98
N VAL B 155 -35.13 15.02 -11.70
CA VAL B 155 -35.30 14.00 -10.66
C VAL B 155 -36.76 14.05 -10.14
N LEU B 156 -37.57 13.09 -10.56
CA LEU B 156 -38.97 12.98 -10.15
C LEU B 156 -39.10 12.55 -8.68
N GLU B 157 -38.41 11.45 -8.33
CA GLU B 157 -38.36 10.89 -6.97
C GLU B 157 -36.99 10.36 -6.63
N TYR B 158 -36.73 10.22 -5.33
CA TYR B 158 -35.49 9.64 -4.86
C TYR B 158 -35.72 9.10 -3.45
N ALA B 159 -35.05 7.97 -3.14
CA ALA B 159 -35.16 7.29 -1.85
C ALA B 159 -33.83 6.72 -1.41
N PHE B 160 -33.72 6.52 -0.10
CA PHE B 160 -32.58 5.93 0.59
C PHE B 160 -33.11 4.75 1.37
N ILE B 161 -32.86 3.53 0.86
CA ILE B 161 -33.35 2.26 1.40
C ILE B 161 -32.33 1.61 2.36
N LEU B 162 -32.84 1.10 3.50
CA LEU B 162 -32.06 0.38 4.52
C LEU B 162 -32.50 -1.09 4.58
N ASP B 163 -33.84 -1.32 4.58
CA ASP B 163 -34.52 -2.63 4.68
C ASP B 163 -35.64 -2.76 3.64
N GLU B 164 -36.34 -3.93 3.63
CA GLU B 164 -37.45 -4.22 2.72
C GLU B 164 -38.66 -3.30 2.94
N SER B 165 -38.68 -2.57 4.08
CA SER B 165 -39.75 -1.63 4.47
C SER B 165 -39.21 -0.24 4.89
N VAL B 166 -37.99 -0.21 5.46
CA VAL B 166 -37.36 1.00 5.99
C VAL B 166 -36.61 1.78 4.89
N TYR B 167 -37.15 2.97 4.55
CA TYR B 167 -36.58 3.88 3.56
C TYR B 167 -36.91 5.34 3.90
N PHE B 168 -36.18 6.31 3.33
CA PHE B 168 -36.44 7.74 3.55
C PHE B 168 -36.03 8.53 2.32
N GLY B 169 -36.58 9.72 2.16
CA GLY B 169 -36.27 10.59 1.04
C GLY B 169 -37.47 11.28 0.46
N GLU B 170 -37.41 11.63 -0.83
CA GLU B 170 -38.50 12.30 -1.51
C GLU B 170 -39.15 11.30 -2.47
N TRP B 171 -39.71 10.23 -1.89
CA TRP B 171 -40.34 9.14 -2.60
C TRP B 171 -41.82 9.10 -2.25
N HIS B 172 -42.65 9.42 -3.24
CA HIS B 172 -44.08 9.44 -3.03
C HIS B 172 -44.76 8.17 -3.56
N SER B 173 -44.09 7.38 -4.48
CA SER B 173 -44.71 6.23 -5.18
C SER B 173 -44.22 4.82 -4.69
N GLY B 174 -45.12 4.15 -3.98
CA GLY B 174 -44.99 2.81 -3.43
C GLY B 174 -43.71 2.52 -2.69
N HIS B 175 -43.44 1.23 -2.53
CA HIS B 175 -42.24 0.68 -1.93
C HIS B 175 -41.11 0.84 -2.94
N PRO B 176 -40.02 1.56 -2.58
CA PRO B 176 -38.94 1.78 -3.57
C PRO B 176 -38.35 0.47 -4.05
N VAL B 177 -38.25 -0.52 -3.15
CA VAL B 177 -37.70 -1.86 -3.39
C VAL B 177 -38.56 -2.59 -4.44
N GLU B 178 -39.90 -2.55 -4.28
CA GLU B 178 -40.81 -3.23 -5.20
C GLU B 178 -40.80 -2.50 -6.57
N TRP B 179 -40.59 -1.16 -6.58
CA TRP B 179 -40.53 -0.39 -7.82
C TRP B 179 -39.29 -0.78 -8.63
N ILE B 180 -38.16 -1.04 -7.95
CA ILE B 180 -36.89 -1.41 -8.57
C ILE B 180 -37.00 -2.82 -9.18
N ARG B 181 -37.44 -3.83 -8.39
CA ARG B 181 -37.55 -5.22 -8.87
C ARG B 181 -38.49 -5.31 -10.08
N LYS B 182 -39.60 -4.54 -10.08
CA LYS B 182 -40.59 -4.52 -11.16
C LYS B 182 -40.22 -3.51 -12.28
N ILE B 183 -38.92 -3.19 -12.50
CA ILE B 183 -38.58 -2.27 -13.61
C ILE B 183 -38.58 -3.10 -14.89
N ASP B 184 -39.15 -2.51 -15.97
CA ASP B 184 -39.23 -3.11 -17.29
C ASP B 184 -37.81 -3.24 -17.90
N GLU B 185 -37.57 -4.35 -18.63
CA GLU B 185 -36.29 -4.74 -19.24
C GLU B 185 -35.67 -3.62 -20.10
N ASN B 186 -36.46 -3.05 -21.04
CA ASN B 186 -36.03 -2.00 -21.96
C ASN B 186 -36.79 -0.67 -21.77
N GLU B 187 -38.10 -0.73 -21.42
CA GLU B 187 -38.96 0.46 -21.28
C GLU B 187 -38.75 1.22 -19.93
N GLU B 188 -37.85 0.73 -19.02
CA GLU B 188 -37.61 1.41 -17.74
C GLU B 188 -36.09 1.64 -17.45
N PRO B 189 -35.32 2.36 -18.33
CA PRO B 189 -33.90 2.63 -18.01
C PRO B 189 -33.71 4.03 -17.37
N LEU B 190 -34.83 4.78 -17.11
CA LEU B 190 -34.92 6.10 -16.45
C LEU B 190 -34.75 5.96 -14.90
N MSE B 191 -33.89 5.02 -14.51
CA MSE B 191 -33.56 4.67 -13.12
C MSE B 191 -32.04 4.68 -12.90
O MSE B 191 -31.30 4.12 -13.71
CB MSE B 191 -34.14 3.29 -12.80
CG MSE B 191 -33.92 2.85 -11.36
SE MSE B 191 -34.15 0.92 -11.10
CE MSE B 191 -32.55 0.31 -12.01
N PHE B 192 -31.62 5.29 -11.79
CA PHE B 192 -30.23 5.34 -11.33
C PHE B 192 -30.17 4.80 -9.90
N THR B 193 -29.25 3.87 -9.65
CA THR B 193 -29.05 3.29 -8.33
C THR B 193 -27.58 3.41 -7.95
N HIS B 194 -27.33 3.54 -6.66
CA HIS B 194 -26.01 3.68 -6.06
C HIS B 194 -26.05 3.24 -4.63
N ILE B 195 -25.06 2.46 -4.21
CA ILE B 195 -24.99 2.00 -2.83
C ILE B 195 -23.95 2.83 -2.09
N TYR B 196 -24.40 3.55 -1.04
CA TYR B 196 -23.56 4.29 -0.11
C TYR B 196 -23.08 3.28 0.91
N SER B 197 -21.80 2.89 0.79
CA SER B 197 -21.12 1.89 1.62
CA SER B 197 -21.12 1.90 1.62
C SER B 197 -20.37 2.59 2.76
N PRO B 198 -20.49 2.08 4.03
CA PRO B 198 -19.80 2.72 5.16
C PRO B 198 -18.30 2.48 5.14
N LYS B 199 -17.58 3.20 6.02
CA LYS B 199 -16.14 3.02 6.15
C LYS B 199 -15.88 1.55 6.55
N GLU B 200 -15.08 0.82 5.75
CA GLU B 200 -14.76 -0.57 6.07
C GLU B 200 -13.82 -0.58 7.27
N ARG B 201 -14.07 -1.47 8.25
CA ARG B 201 -13.25 -1.50 9.45
C ARG B 201 -12.18 -2.56 9.34
N LEU B 202 -10.97 -2.19 9.78
CA LEU B 202 -9.82 -3.09 9.83
C LEU B 202 -9.30 -3.10 11.28
N ILE B 203 -9.53 -4.21 11.96
CA ILE B 203 -9.16 -4.42 13.37
C ILE B 203 -7.85 -5.19 13.40
N ILE B 204 -6.78 -4.49 13.81
CA ILE B 204 -5.41 -5.00 13.83
C ILE B 204 -4.99 -5.36 15.26
N PHE B 205 -4.65 -6.65 15.46
CA PHE B 205 -4.13 -7.19 16.69
C PHE B 205 -2.60 -7.22 16.58
N GLY B 206 -1.97 -6.29 17.30
CA GLY B 206 -0.51 -6.15 17.32
C GLY B 206 -0.10 -4.73 17.03
N ALA B 207 0.89 -4.23 17.78
CA ALA B 207 1.42 -2.87 17.59
C ALA B 207 2.98 -2.89 17.48
N GLY B 208 3.52 -3.95 16.87
CA GLY B 208 4.94 -4.09 16.60
C GLY B 208 5.39 -3.12 15.52
N PRO B 209 6.72 -2.96 15.31
CA PRO B 209 7.19 -1.97 14.31
C PRO B 209 6.83 -2.29 12.84
N ASP B 210 6.20 -3.44 12.59
CA ASP B 210 5.75 -3.81 11.24
C ASP B 210 4.30 -3.34 10.93
N VAL B 211 3.55 -2.91 11.99
CA VAL B 211 2.14 -2.51 11.93
C VAL B 211 1.98 -1.02 11.45
N PRO B 212 2.85 -0.04 11.81
CA PRO B 212 2.62 1.34 11.33
C PRO B 212 2.47 1.46 9.78
N PRO B 213 3.27 0.78 8.87
CA PRO B 213 3.01 0.94 7.42
C PRO B 213 1.64 0.42 6.99
N LEU B 214 1.17 -0.69 7.60
CA LEU B 214 -0.13 -1.27 7.31
C LEU B 214 -1.26 -0.30 7.68
N VAL B 215 -1.13 0.38 8.84
CA VAL B 215 -2.13 1.36 9.30
C VAL B 215 -2.18 2.51 8.26
N THR B 216 -1.02 3.00 7.80
CA THR B 216 -0.92 4.08 6.82
C THR B 216 -1.56 3.68 5.48
N PHE B 217 -1.17 2.55 4.93
CA PHE B 217 -1.69 2.10 3.64
C PHE B 217 -3.18 1.85 3.74
N ALA B 218 -3.66 1.19 4.81
CA ALA B 218 -5.08 0.90 4.97
C ALA B 218 -5.88 2.17 5.18
N SER B 219 -5.34 3.14 5.93
CA SER B 219 -6.01 4.42 6.20
C SER B 219 -6.17 5.22 4.92
N ASN B 220 -5.08 5.34 4.10
CA ASN B 220 -5.03 6.07 2.84
C ASN B 220 -6.02 5.51 1.82
N VAL B 221 -6.21 4.18 1.79
CA VAL B 221 -7.14 3.51 0.87
C VAL B 221 -8.60 3.69 1.37
N GLY B 222 -8.80 4.07 2.64
CA GLY B 222 -10.14 4.34 3.16
C GLY B 222 -10.72 3.44 4.23
N PHE B 223 -9.86 2.69 4.94
CA PHE B 223 -10.30 1.86 6.04
C PHE B 223 -10.34 2.62 7.34
N TYR B 224 -11.30 2.26 8.18
CA TYR B 224 -11.35 2.69 9.56
C TYR B 224 -10.42 1.74 10.32
N THR B 225 -9.31 2.24 10.85
CA THR B 225 -8.33 1.38 11.48
C THR B 225 -8.38 1.46 13.00
N VAL B 226 -8.42 0.26 13.62
CA VAL B 226 -8.36 0.04 15.06
C VAL B 226 -7.11 -0.81 15.33
N VAL B 227 -6.18 -0.26 16.14
CA VAL B 227 -4.96 -0.93 16.58
C VAL B 227 -5.12 -1.28 18.02
N THR B 228 -4.86 -2.54 18.37
CA THR B 228 -4.92 -2.98 19.76
C THR B 228 -3.68 -3.87 20.04
N ASP B 229 -3.11 -3.65 21.23
CA ASP B 229 -1.96 -4.36 21.78
C ASP B 229 -1.98 -4.15 23.29
N TRP B 230 -1.32 -5.03 24.02
CA TRP B 230 -1.30 -5.03 25.47
C TRP B 230 -0.08 -4.28 26.05
N ARG B 231 0.83 -3.78 25.18
CA ARG B 231 2.06 -3.10 25.56
C ARG B 231 1.92 -1.58 25.32
N PRO B 232 1.67 -0.81 26.40
CA PRO B 232 1.40 0.64 26.25
C PRO B 232 2.48 1.44 25.52
N ASN B 233 3.75 1.05 25.66
CA ASN B 233 4.89 1.71 25.06
C ASN B 233 4.91 1.50 23.54
N GLN B 234 4.33 0.38 23.07
CA GLN B 234 4.19 0.10 21.64
C GLN B 234 3.09 0.96 20.96
N CYS B 235 2.13 1.44 21.76
CA CYS B 235 0.89 2.08 21.35
C CYS B 235 0.92 3.62 21.50
N GLU B 236 2.08 4.25 21.58
CA GLU B 236 2.13 5.71 21.63
C GLU B 236 1.48 6.23 20.30
N LYS B 237 0.68 7.32 20.36
CA LYS B 237 -0.04 7.82 19.18
C LYS B 237 0.93 8.24 18.05
N HIS B 238 2.15 8.70 18.36
CA HIS B 238 3.07 9.12 17.31
C HIS B 238 3.49 7.93 16.42
N PHE B 239 3.39 6.67 16.91
CA PHE B 239 3.67 5.49 16.07
C PHE B 239 2.57 5.25 15.05
N PHE B 240 1.30 5.57 15.40
CA PHE B 240 0.14 5.33 14.55
C PHE B 240 -0.71 6.60 14.41
N PRO B 241 -0.19 7.65 13.75
CA PRO B 241 -0.99 8.88 13.63
C PRO B 241 -2.23 8.74 12.76
N ASP B 242 -2.30 7.71 11.90
CA ASP B 242 -3.41 7.51 10.97
C ASP B 242 -4.48 6.57 11.54
N ALA B 243 -4.20 5.91 12.67
CA ALA B 243 -5.13 5.01 13.32
C ALA B 243 -6.28 5.80 13.91
N ASP B 244 -7.50 5.34 13.67
CA ASP B 244 -8.73 5.95 14.18
C ASP B 244 -8.86 5.66 15.66
N GLU B 245 -8.50 4.46 16.09
CA GLU B 245 -8.50 4.04 17.49
C GLU B 245 -7.25 3.22 17.81
N ILE B 246 -6.66 3.49 18.95
CA ILE B 246 -5.53 2.75 19.53
C ILE B 246 -6.03 2.31 20.89
N ILE B 247 -6.32 0.99 21.08
CA ILE B 247 -6.86 0.52 22.36
C ILE B 247 -5.81 -0.40 23.06
N VAL B 248 -5.26 0.09 24.20
CA VAL B 248 -4.24 -0.67 24.96
C VAL B 248 -4.94 -1.61 25.92
N ASP B 249 -4.88 -2.90 25.62
CA ASP B 249 -5.54 -3.94 26.39
C ASP B 249 -5.04 -5.32 26.04
N PHE B 250 -5.24 -6.29 26.95
CA PHE B 250 -4.95 -7.68 26.63
C PHE B 250 -6.02 -8.17 25.67
N PRO B 251 -5.65 -9.01 24.65
CA PRO B 251 -6.66 -9.44 23.64
C PRO B 251 -8.01 -9.85 24.23
N ALA B 252 -7.99 -10.61 25.34
CA ALA B 252 -9.18 -11.10 26.04
C ALA B 252 -10.07 -9.96 26.55
N ASP B 253 -9.47 -8.84 26.98
CA ASP B 253 -10.22 -7.68 27.45
C ASP B 253 -10.78 -6.91 26.28
N PHE B 254 -9.98 -6.77 25.20
CA PHE B 254 -10.43 -6.10 23.99
C PHE B 254 -11.68 -6.77 23.43
N LEU B 255 -11.62 -8.10 23.25
CA LEU B 255 -12.69 -8.92 22.68
C LEU B 255 -13.94 -8.87 23.56
N ARG B 256 -13.78 -8.70 24.88
CA ARG B 256 -14.92 -8.53 25.79
C ARG B 256 -15.58 -7.16 25.58
N LYS B 257 -14.77 -6.09 25.50
CA LYS B 257 -15.21 -4.70 25.46
C LYS B 257 -15.56 -4.22 24.04
N PHE B 258 -14.72 -4.44 23.05
CA PHE B 258 -14.94 -3.95 21.68
C PHE B 258 -15.75 -4.93 20.84
N LEU B 259 -16.90 -4.46 20.32
CA LEU B 259 -17.78 -5.22 19.44
C LEU B 259 -17.21 -5.33 18.03
N ILE B 260 -17.08 -6.57 17.54
CA ILE B 260 -16.57 -6.85 16.20
C ILE B 260 -17.78 -7.25 15.37
N ARG B 261 -18.03 -6.48 14.31
CA ARG B 261 -19.15 -6.61 13.37
C ARG B 261 -18.84 -7.74 12.37
N PRO B 262 -19.83 -8.45 11.78
CA PRO B 262 -19.47 -9.55 10.86
C PRO B 262 -18.85 -9.05 9.56
N ASP B 263 -19.09 -7.76 9.19
CA ASP B 263 -18.57 -7.16 7.96
C ASP B 263 -17.15 -6.52 8.19
N ASP B 264 -16.56 -6.69 9.40
CA ASP B 264 -15.22 -6.21 9.76
C ASP B 264 -14.13 -7.17 9.28
N PHE B 265 -12.93 -6.63 9.11
CA PHE B 265 -11.70 -7.29 8.70
C PHE B 265 -10.77 -7.40 9.89
N VAL B 266 -10.38 -8.61 10.25
CA VAL B 266 -9.49 -8.83 11.39
C VAL B 266 -8.13 -9.25 10.86
N LEU B 267 -7.10 -8.68 11.48
CA LEU B 267 -5.72 -8.93 11.14
C LEU B 267 -4.94 -9.21 12.40
N ILE B 268 -4.53 -10.47 12.59
CA ILE B 268 -3.79 -10.95 13.75
C ILE B 268 -2.30 -10.95 13.43
N MSE B 269 -1.53 -10.04 14.05
CA MSE B 269 -0.09 -9.96 13.78
C MSE B 269 0.68 -9.50 15.00
O MSE B 269 1.44 -8.52 14.94
CB MSE B 269 0.20 -9.03 12.60
CG MSE B 269 -0.66 -7.75 12.59
SE MSE B 269 -0.24 -6.75 11.00
CE MSE B 269 -0.52 -8.19 9.72
N THR B 270 0.52 -10.25 16.12
CA THR B 270 1.12 -9.92 17.40
C THR B 270 2.53 -10.49 17.50
N HIS B 271 2.84 -11.56 16.71
CA HIS B 271 4.12 -12.30 16.70
C HIS B 271 4.31 -13.07 18.01
N HIS B 272 3.20 -13.26 18.76
CA HIS B 272 3.11 -13.99 20.02
C HIS B 272 2.10 -15.07 19.83
N PHE B 273 2.54 -16.33 19.85
CA PHE B 273 1.72 -17.50 19.60
C PHE B 273 0.51 -17.57 20.53
N GLN B 274 0.73 -17.53 21.86
CA GLN B 274 -0.33 -17.62 22.85
C GLN B 274 -1.37 -16.50 22.64
N LYS B 275 -0.90 -15.26 22.33
CA LYS B 275 -1.79 -14.12 22.09
C LYS B 275 -2.63 -14.35 20.82
N ASP B 276 -1.99 -14.73 19.69
CA ASP B 276 -2.66 -15.04 18.44
C ASP B 276 -3.68 -16.17 18.63
N GLN B 277 -3.33 -17.18 19.45
CA GLN B 277 -4.19 -18.31 19.75
C GLN B 277 -5.40 -17.85 20.58
N GLU B 278 -5.18 -16.92 21.55
CA GLU B 278 -6.23 -16.35 22.39
C GLU B 278 -7.27 -15.61 21.52
N ILE B 279 -6.80 -14.83 20.51
CA ILE B 279 -7.60 -14.02 19.57
C ILE B 279 -8.39 -14.94 18.64
N LEU B 280 -7.69 -15.88 17.97
CA LEU B 280 -8.30 -16.81 17.01
C LEU B 280 -9.38 -17.67 17.66
N HIS B 281 -9.11 -18.27 18.83
CA HIS B 281 -10.07 -19.11 19.56
C HIS B 281 -11.36 -18.36 19.92
N PHE B 282 -11.28 -17.06 20.15
CA PHE B 282 -12.46 -16.26 20.45
C PHE B 282 -13.30 -16.02 19.20
N LEU B 283 -12.64 -15.67 18.07
CA LEU B 283 -13.25 -15.35 16.79
C LEU B 283 -13.71 -16.57 15.99
N LEU B 284 -13.45 -17.79 16.51
CA LEU B 284 -13.78 -19.05 15.84
C LEU B 284 -15.26 -19.17 15.44
N GLU B 285 -16.20 -19.15 16.39
CA GLU B 285 -17.60 -19.36 15.99
C GLU B 285 -18.23 -18.07 15.50
N LYS B 286 -17.57 -16.93 15.74
CA LYS B 286 -18.03 -15.61 15.34
C LYS B 286 -18.02 -15.49 13.82
N GLU B 287 -19.17 -15.08 13.26
CA GLU B 287 -19.33 -14.83 11.82
C GLU B 287 -18.43 -13.65 11.43
N LEU B 288 -17.38 -13.93 10.63
CA LEU B 288 -16.44 -12.87 10.24
C LEU B 288 -16.08 -12.95 8.78
N ARG B 289 -16.05 -11.77 8.15
CA ARG B 289 -15.73 -11.55 6.73
C ARG B 289 -14.29 -11.97 6.38
N TYR B 290 -13.33 -11.66 7.27
CA TYR B 290 -11.92 -11.87 7.04
C TYR B 290 -11.15 -12.01 8.35
N ILE B 291 -10.34 -13.07 8.42
CA ILE B 291 -9.37 -13.31 9.49
C ILE B 291 -8.06 -13.61 8.81
N GLY B 292 -7.10 -12.71 8.98
CA GLY B 292 -5.78 -12.85 8.38
C GLY B 292 -4.76 -13.00 9.48
N ILE B 293 -3.94 -14.05 9.42
CA ILE B 293 -2.93 -14.30 10.45
C ILE B 293 -1.56 -14.29 9.79
N LEU B 294 -0.67 -13.42 10.28
CA LEU B 294 0.70 -13.27 9.83
C LEU B 294 1.51 -14.50 10.28
N GLY B 295 2.05 -15.22 9.33
CA GLY B 295 2.81 -16.44 9.57
C GLY B 295 2.53 -17.50 8.54
N SER B 296 3.00 -18.72 8.78
CA SER B 296 2.85 -19.89 7.91
C SER B 296 1.58 -20.66 8.20
N LYS B 297 1.11 -21.46 7.21
CA LYS B 297 -0.05 -22.34 7.34
C LYS B 297 0.15 -23.33 8.51
N GLU B 298 1.38 -23.82 8.71
CA GLU B 298 1.74 -24.76 9.77
C GLU B 298 1.55 -24.11 11.15
N ARG B 299 1.92 -22.80 11.28
CA ARG B 299 1.81 -22.07 12.54
C ARG B 299 0.36 -21.85 12.88
N THR B 300 -0.48 -21.53 11.84
CA THR B 300 -1.91 -21.31 11.98
C THR B 300 -2.56 -22.65 12.30
N ARG B 301 -2.06 -23.76 11.71
CA ARG B 301 -2.55 -25.09 12.06
C ARG B 301 -2.28 -25.36 13.53
N ARG B 302 -1.10 -24.95 14.04
CA ARG B 302 -0.72 -25.12 15.45
C ARG B 302 -1.59 -24.24 16.35
N LEU B 303 -1.93 -23.01 15.90
CA LEU B 303 -2.84 -22.13 16.62
C LEU B 303 -4.22 -22.79 16.78
N LEU B 304 -4.72 -23.49 15.75
CA LEU B 304 -6.04 -24.13 15.74
C LEU B 304 -6.05 -25.53 16.35
N GLN B 305 -4.98 -25.91 17.08
CA GLN B 305 -4.89 -27.24 17.67
C GLN B 305 -6.14 -27.57 18.49
N ASN B 306 -6.91 -28.56 17.99
CA ASN B 306 -8.12 -29.16 18.55
C ASN B 306 -9.41 -28.40 18.15
N ARG B 307 -9.32 -27.48 17.17
CA ARG B 307 -10.48 -26.70 16.73
C ARG B 307 -10.69 -26.68 15.20
N LYS B 308 -11.97 -26.52 14.80
CA LYS B 308 -12.43 -26.41 13.42
C LYS B 308 -12.07 -25.00 12.90
N PRO B 309 -11.28 -24.86 11.80
CA PRO B 309 -10.91 -23.51 11.32
C PRO B 309 -12.12 -22.67 10.91
N PRO B 310 -12.06 -21.32 11.06
CA PRO B 310 -13.17 -20.48 10.61
C PRO B 310 -13.22 -20.43 9.08
N ASP B 311 -14.36 -19.99 8.57
CA ASP B 311 -14.67 -19.99 7.15
C ASP B 311 -13.80 -19.06 6.31
N HIS B 312 -13.50 -17.83 6.81
CA HIS B 312 -12.74 -16.86 6.01
C HIS B 312 -11.38 -16.57 6.63
N LEU B 313 -10.62 -17.64 6.80
CA LEU B 313 -9.26 -17.60 7.31
C LEU B 313 -8.29 -17.50 6.15
N TYR B 314 -7.33 -16.57 6.26
CA TYR B 314 -6.31 -16.30 5.25
C TYR B 314 -4.96 -16.36 5.91
N SER B 315 -4.28 -17.48 5.70
CA SER B 315 -2.93 -17.70 6.21
C SER B 315 -2.18 -18.54 5.19
N PRO B 316 -1.08 -18.03 4.59
CA PRO B 316 -0.40 -16.75 4.89
C PRO B 316 -1.23 -15.55 4.43
N VAL B 317 -1.11 -14.45 5.15
CA VAL B 317 -1.92 -13.29 4.88
C VAL B 317 -1.33 -12.52 3.63
N GLY B 318 -2.21 -11.87 2.88
CA GLY B 318 -1.82 -11.11 1.69
C GLY B 318 -1.60 -11.91 0.43
N LEU B 319 -1.55 -11.21 -0.71
CA LEU B 319 -1.32 -11.81 -2.03
C LEU B 319 0.12 -12.34 -2.13
N SER B 320 0.35 -13.40 -2.90
CA SER B 320 1.71 -13.90 -2.93
C SER B 320 2.49 -13.15 -4.01
N ILE B 321 3.18 -12.09 -3.56
CA ILE B 321 4.02 -11.21 -4.37
C ILE B 321 5.46 -11.32 -3.84
N ASP B 322 5.73 -12.35 -3.00
CA ASP B 322 7.03 -12.67 -2.38
C ASP B 322 7.61 -11.41 -1.67
N ALA B 323 6.72 -10.67 -0.98
CA ALA B 323 7.01 -9.47 -0.21
C ALA B 323 8.05 -9.72 0.88
N GLN B 324 8.94 -8.75 1.11
CA GLN B 324 9.97 -8.80 2.15
C GLN B 324 9.99 -7.50 2.95
N GLY B 325 9.88 -7.61 4.26
CA GLY B 325 9.86 -6.46 5.17
C GLY B 325 8.46 -5.92 5.45
N PRO B 326 8.33 -5.09 6.51
CA PRO B 326 6.99 -4.58 6.89
C PRO B 326 6.26 -3.82 5.81
N GLU B 327 6.97 -2.97 5.07
CA GLU B 327 6.42 -2.09 4.03
C GLU B 327 5.82 -2.86 2.87
N GLU B 328 6.51 -3.91 2.38
CA GLU B 328 6.03 -4.73 1.26
C GLU B 328 4.89 -5.64 1.71
N ILE B 329 4.99 -6.25 2.91
CA ILE B 329 3.96 -7.14 3.47
C ILE B 329 2.67 -6.35 3.65
N ALA B 330 2.77 -5.09 4.11
CA ALA B 330 1.63 -4.19 4.30
C ALA B 330 0.91 -3.95 2.96
N ILE B 331 1.66 -3.77 1.84
CA ILE B 331 1.07 -3.59 0.50
C ILE B 331 0.30 -4.86 0.14
N SER B 332 0.93 -6.02 0.34
CA SER B 332 0.40 -7.36 0.08
C SER B 332 -0.93 -7.58 0.80
N ILE B 333 -1.01 -7.15 2.05
CA ILE B 333 -2.21 -7.29 2.84
C ILE B 333 -3.31 -6.36 2.30
N VAL B 334 -3.01 -5.08 2.13
CA VAL B 334 -4.01 -4.09 1.68
C VAL B 334 -4.52 -4.49 0.24
N ALA B 335 -3.63 -5.00 -0.65
CA ALA B 335 -4.00 -5.45 -2.01
C ALA B 335 -5.07 -6.56 -1.94
N GLN B 336 -4.83 -7.59 -1.05
CA GLN B 336 -5.74 -8.70 -0.78
C GLN B 336 -7.10 -8.17 -0.30
N LEU B 337 -7.11 -7.24 0.67
CA LEU B 337 -8.36 -6.64 1.19
C LEU B 337 -9.15 -6.01 0.06
N ILE B 338 -8.50 -5.18 -0.78
CA ILE B 338 -9.09 -4.50 -1.94
C ILE B 338 -9.66 -5.57 -2.89
N GLN B 339 -8.86 -6.61 -3.22
CA GLN B 339 -9.29 -7.71 -4.08
C GLN B 339 -10.58 -8.36 -3.55
N LEU B 340 -10.69 -8.61 -2.23
CA LEU B 340 -11.85 -9.26 -1.64
C LEU B 340 -13.05 -8.32 -1.53
N ILE B 341 -12.84 -7.03 -1.28
CA ILE B 341 -13.95 -6.07 -1.20
C ILE B 341 -14.58 -5.94 -2.59
N ARG B 342 -13.74 -5.87 -3.64
CA ARG B 342 -14.16 -5.69 -5.02
C ARG B 342 -14.63 -7.00 -5.65
N SER B 343 -14.03 -8.17 -5.31
CA SER B 343 -14.47 -9.46 -5.86
C SER B 343 -15.86 -9.86 -5.32
N ARG B 344 -16.12 -9.63 -4.01
CA ARG B 344 -17.40 -9.92 -3.35
C ARG B 344 -18.45 -8.81 -3.63
N LYS B 345 -18.04 -7.73 -4.36
CA LYS B 345 -18.89 -6.60 -4.76
C LYS B 345 -19.53 -6.94 -6.15
N GLN B 346 -19.07 -8.04 -6.76
CA GLN B 346 -19.59 -8.62 -8.01
C GLN B 346 -20.74 -9.61 -7.67
N ALA B 347 -20.87 -9.99 -6.35
CA ALA B 347 -21.90 -10.85 -5.75
C ALA B 347 -23.08 -10.00 -5.17
N SER B 348 -22.94 -8.63 -5.23
CA SER B 348 -23.86 -7.54 -4.80
C SER B 348 -24.29 -7.66 -3.31
N SER B 349 -23.37 -8.21 -2.49
CA SER B 349 -23.42 -8.55 -1.06
C SER B 349 -24.39 -7.66 -0.17
N PRO B 350 -24.35 -6.30 -0.11
CA PRO B 350 -25.21 -5.60 0.87
C PRO B 350 -26.72 -5.72 0.60
N PHE B 351 -27.20 -5.52 -0.65
CA PHE B 351 -28.63 -5.55 -0.94
C PHE B 351 -28.99 -6.52 -2.10
N SER B 352 -28.24 -7.62 -2.29
CA SER B 352 -28.56 -8.62 -3.33
C SER B 352 -29.82 -9.43 -2.96
N TYR B 353 -30.07 -9.60 -1.63
CA TYR B 353 -31.18 -10.36 -1.04
C TYR B 353 -32.55 -9.73 -1.36
N LEU B 354 -32.60 -8.43 -1.74
CA LEU B 354 -33.83 -7.73 -2.08
C LEU B 354 -34.16 -7.82 -3.58
N PHE B 355 -33.68 -8.89 -4.28
CA PHE B 355 -33.93 -9.01 -5.71
C PHE B 355 -34.19 -10.49 -6.16
N GLN B 356 -33.97 -11.49 -5.28
CA GLN B 356 -34.18 -12.92 -5.59
C GLN B 356 -35.69 -13.21 -5.78
N PRO B 357 -36.51 -13.03 -4.73
CA PRO B 357 -37.51 -14.06 -4.41
C PRO B 357 -38.85 -13.77 -5.09
CL CL C . -0.12 -2.53 -32.79
CL CL D . 2.62 -14.52 24.46
#